data_6FV9
#
_entry.id   6FV9
#
_cell.length_a   116.203
_cell.length_b   114.619
_cell.length_c   68.387
_cell.angle_alpha   90.00
_cell.angle_beta   108.36
_cell.angle_gamma   90.00
#
_symmetry.space_group_name_H-M   'C 1 2 1'
#
loop_
_entity.id
_entity.type
_entity.pdbx_description
1 polymer Phosphodiesterase
2 non-polymer 'MAGNESIUM ION'
3 non-polymer 'ZINC ION'
4 non-polymer GLYCEROL
5 non-polymer 1-(2-{4-[(4aS,8aR)-4-(3,4-dimethoxyphenyl)-1-oxo-1,2,4a,5,8,8a-hexahydrophthalazin-2-yl]piperidin-1-yl}-2-oxoethyl)pyrrolidine-2,5-dione
6 water water
#
_entity_poly.entity_id   1
_entity_poly.type   'polypeptide(L)'
_entity_poly.pdbx_seq_one_letter_code
;GSHMASELNEHRATLFNKNVPSRAVKRVTAITKVEREAVLVCELPSFDVTDVEFDLFRARESTDKPLDVAAAIAYRLLLG
SGLPQKFGCSDEVLLNFILQCRKKYRNVPYHNFYHVVDVCQTIHTFLYRGNVYEKLTELECFVLLITALVHDLDHMGLNN
SFYLKTESPLGILSSASGNTSVLEVHHCNLAVEILSDPESDVFDGLEGAERTLAFRSMIDCVLATDMAKHGSALEAFLAS
AADQSSDEAAFHRMTMEIILKAGDISNVTKPFDISRQWAMAVTEEFYRQGDMEKERGVEVLPMFDRSKNMELAKGQIGFI
DFVAAPFFQKIVDACLQGMQWTVDRIKSNRAQWERVLETR
;
_entity_poly.pdbx_strand_id   A,B
#
# COMPACT_ATOMS: atom_id res chain seq x y z
N VAL A 28 -35.37 -27.10 5.25
CA VAL A 28 -34.91 -25.77 4.76
C VAL A 28 -36.10 -25.10 4.04
N THR A 29 -36.25 -23.80 4.27
CA THR A 29 -37.41 -23.06 3.77
C THR A 29 -37.01 -22.26 2.53
N ALA A 30 -37.85 -22.35 1.50
CA ALA A 30 -37.58 -21.74 0.20
C ALA A 30 -37.45 -20.20 0.22
N ILE A 31 -36.47 -19.72 -0.54
CA ILE A 31 -36.23 -18.30 -0.70
C ILE A 31 -37.43 -17.69 -1.41
N THR A 32 -37.96 -16.61 -0.87
CA THR A 32 -39.08 -15.90 -1.46
C THR A 32 -38.57 -14.95 -2.52
N LYS A 33 -39.47 -14.43 -3.33
CA LYS A 33 -39.19 -13.50 -4.41
C LYS A 33 -38.79 -12.13 -3.94
N VAL A 34 -39.30 -11.75 -2.79
CA VAL A 34 -39.05 -10.49 -2.18
C VAL A 34 -37.65 -10.44 -1.67
N GLU A 35 -37.17 -11.59 -1.23
CA GLU A 35 -35.81 -11.75 -0.75
C GLU A 35 -34.81 -11.59 -1.86
N ARG A 36 -35.09 -12.17 -3.03
CA ARG A 36 -34.23 -12.02 -4.20
C ARG A 36 -34.22 -10.61 -4.73
N GLU A 37 -35.40 -9.97 -4.72
CA GLU A 37 -35.55 -8.62 -5.27
C GLU A 37 -34.68 -7.61 -4.50
N ALA A 38 -34.65 -7.75 -3.19
CA ALA A 38 -33.78 -6.93 -2.36
C ALA A 38 -32.30 -6.99 -2.79
N VAL A 39 -31.81 -8.16 -3.19
CA VAL A 39 -30.43 -8.30 -3.66
C VAL A 39 -30.29 -7.69 -5.05
N LEU A 40 -31.22 -8.06 -5.95
CA LEU A 40 -31.21 -7.56 -7.35
C LEU A 40 -31.34 -6.03 -7.49
N VAL A 41 -31.96 -5.40 -6.49
CA VAL A 41 -32.05 -3.94 -6.37
C VAL A 41 -30.71 -3.20 -6.21
N CYS A 42 -29.71 -3.89 -5.65
CA CYS A 42 -28.40 -3.32 -5.42
C CYS A 42 -27.59 -3.15 -6.67
N GLU A 43 -27.31 -1.91 -7.04
CA GLU A 43 -26.57 -1.62 -8.26
C GLU A 43 -25.06 -1.56 -8.10
N LEU A 44 -24.59 -1.38 -6.89
CA LEU A 44 -23.19 -1.33 -6.58
C LEU A 44 -22.40 -0.42 -7.48
N PRO A 45 -22.83 0.84 -7.63
CA PRO A 45 -22.10 1.79 -8.46
C PRO A 45 -20.72 2.12 -7.86
N SER A 46 -19.71 2.28 -8.71
CA SER A 46 -18.32 2.62 -8.32
C SER A 46 -17.45 1.42 -7.87
N PHE A 47 -18.05 0.28 -7.60
CA PHE A 47 -17.29 -0.85 -7.12
C PHE A 47 -16.89 -1.69 -8.33
N ASP A 48 -15.63 -2.11 -8.40
CA ASP A 48 -15.24 -3.17 -9.34
C ASP A 48 -15.01 -4.42 -8.50
N VAL A 49 -15.99 -5.32 -8.50
CA VAL A 49 -15.88 -6.55 -7.71
C VAL A 49 -14.76 -7.48 -8.20
N THR A 50 -14.28 -7.32 -9.42
CA THR A 50 -13.19 -8.17 -9.89
C THR A 50 -11.79 -7.69 -9.49
N ASP A 51 -11.67 -6.49 -8.90
CA ASP A 51 -10.35 -5.83 -8.62
C ASP A 51 -9.73 -6.35 -7.32
N VAL A 52 -8.40 -6.45 -7.29
CA VAL A 52 -7.72 -6.89 -6.06
C VAL A 52 -7.72 -5.82 -4.97
N GLU A 53 -8.05 -4.58 -5.33
CA GLU A 53 -8.13 -3.54 -4.33
C GLU A 53 -9.56 -3.21 -3.97
N PHE A 54 -10.49 -4.05 -4.43
CA PHE A 54 -11.86 -3.92 -4.00
C PHE A 54 -11.97 -3.97 -2.47
N ASP A 55 -12.83 -3.09 -1.94
CA ASP A 55 -13.01 -2.83 -0.52
C ASP A 55 -14.42 -3.22 -0.09
N LEU A 56 -14.56 -4.39 0.52
CA LEU A 56 -15.85 -4.88 1.05
C LEU A 56 -16.35 -4.07 2.26
N PHE A 57 -15.43 -3.52 3.04
CA PHE A 57 -15.81 -2.66 4.17
C PHE A 57 -16.54 -1.38 3.74
N ARG A 58 -15.98 -0.73 2.72
CA ARG A 58 -16.59 0.43 2.08
C ARG A 58 -17.90 0.06 1.40
N ALA A 59 -17.96 -1.13 0.81
CA ALA A 59 -19.21 -1.63 0.24
C ALA A 59 -20.24 -1.76 1.33
N ARG A 60 -19.85 -2.36 2.46
CA ARG A 60 -20.75 -2.49 3.63
C ARG A 60 -21.25 -1.13 4.18
N GLU A 61 -20.35 -0.16 4.23
CA GLU A 61 -20.74 1.21 4.61
C GLU A 61 -21.64 1.92 3.59
N SER A 62 -21.51 1.58 2.34
CA SER A 62 -22.24 2.25 1.33
C SER A 62 -23.73 2.21 1.42
N THR A 63 -24.24 1.32 2.23
CA THR A 63 -25.64 1.11 2.29
C THR A 63 -26.28 0.85 3.63
N ASP A 64 -27.59 1.01 3.65
CA ASP A 64 -28.50 0.74 4.75
C ASP A 64 -28.56 -0.72 5.01
N LYS A 65 -28.42 -1.48 3.94
CA LYS A 65 -28.52 -2.91 3.93
C LYS A 65 -27.26 -3.62 3.47
N PRO A 66 -26.29 -3.74 4.44
CA PRO A 66 -25.09 -4.45 4.03
C PRO A 66 -25.23 -5.91 3.60
N LEU A 67 -26.11 -6.67 4.22
CA LEU A 67 -26.32 -8.07 3.86
C LEU A 67 -26.79 -8.28 2.42
N ASP A 68 -27.56 -7.34 1.89
CA ASP A 68 -28.04 -7.34 0.52
C ASP A 68 -26.95 -7.02 -0.48
N VAL A 69 -26.10 -6.09 -0.14
CA VAL A 69 -24.96 -5.67 -0.93
C VAL A 69 -23.93 -6.79 -1.01
N ALA A 70 -23.72 -7.47 0.10
CA ALA A 70 -22.83 -8.59 0.19
C ALA A 70 -23.29 -9.69 -0.73
N ALA A 71 -24.59 -9.98 -0.69
CA ALA A 71 -25.16 -11.03 -1.55
C ALA A 71 -25.06 -10.67 -3.03
N ALA A 72 -25.32 -9.39 -3.33
CA ALA A 72 -25.19 -8.84 -4.69
C ALA A 72 -23.78 -8.91 -5.26
N ILE A 73 -22.77 -8.75 -4.39
CA ILE A 73 -21.37 -8.90 -4.81
C ILE A 73 -21.14 -10.37 -5.22
N ALA A 74 -21.56 -11.28 -4.36
CA ALA A 74 -21.38 -12.70 -4.60
C ALA A 74 -22.09 -13.10 -5.91
N TYR A 75 -23.32 -12.61 -6.06
CA TYR A 75 -24.14 -12.84 -7.26
C TYR A 75 -23.48 -12.31 -8.52
N ARG A 76 -23.05 -11.05 -8.47
CA ARG A 76 -22.31 -10.43 -9.59
C ARG A 76 -21.03 -11.19 -9.96
N LEU A 77 -20.25 -11.58 -8.97
CA LEU A 77 -19.02 -12.35 -9.22
C LEU A 77 -19.32 -13.65 -9.96
N LEU A 78 -20.31 -14.38 -9.46
CA LEU A 78 -20.65 -15.67 -10.02
C LEU A 78 -21.17 -15.53 -11.45
N LEU A 79 -22.14 -14.64 -11.69
CA LEU A 79 -22.61 -14.41 -13.05
C LEU A 79 -21.55 -13.92 -14.02
N GLY A 80 -20.67 -13.04 -13.57
CA GLY A 80 -19.65 -12.48 -14.44
C GLY A 80 -18.62 -13.46 -14.92
N SER A 81 -18.40 -14.51 -14.13
CA SER A 81 -17.45 -15.53 -14.47
C SER A 81 -17.83 -16.30 -15.72
N GLY A 82 -19.12 -16.30 -16.06
CA GLY A 82 -19.64 -17.09 -17.17
C GLY A 82 -19.94 -18.53 -16.80
N LEU A 83 -19.64 -18.90 -15.56
CA LEU A 83 -19.61 -20.29 -15.10
C LEU A 83 -20.97 -20.96 -14.74
N PRO A 84 -21.82 -20.30 -13.94
CA PRO A 84 -23.16 -20.86 -13.65
C PRO A 84 -23.97 -21.20 -14.89
N GLN A 85 -23.96 -20.28 -15.84
CA GLN A 85 -24.66 -20.42 -17.12
C GLN A 85 -24.18 -21.71 -17.85
N LYS A 86 -22.86 -21.90 -17.91
CA LYS A 86 -22.25 -23.09 -18.55
C LYS A 86 -22.63 -24.42 -17.92
N PHE A 87 -22.92 -24.47 -16.62
CA PHE A 87 -23.24 -25.74 -15.97
C PHE A 87 -24.71 -25.88 -15.62
N GLY A 88 -25.54 -25.16 -16.35
CA GLY A 88 -26.96 -25.26 -16.27
C GLY A 88 -27.52 -24.76 -14.97
N CYS A 89 -26.85 -23.77 -14.36
CA CYS A 89 -27.36 -23.20 -13.13
C CYS A 89 -27.99 -21.89 -13.49
N SER A 90 -29.30 -21.79 -13.30
CA SER A 90 -29.98 -20.58 -13.67
C SER A 90 -29.68 -19.42 -12.72
N ASP A 91 -30.01 -18.23 -13.21
CA ASP A 91 -29.93 -17.00 -12.41
C ASP A 91 -30.71 -17.11 -11.12
N GLU A 92 -31.92 -17.64 -11.18
CA GLU A 92 -32.71 -17.76 -9.96
C GLU A 92 -32.14 -18.78 -8.95
N VAL A 93 -31.73 -19.94 -9.41
CA VAL A 93 -31.18 -20.96 -8.53
C VAL A 93 -29.88 -20.47 -7.89
N LEU A 94 -29.03 -19.80 -8.65
CA LEU A 94 -27.79 -19.23 -8.13
C LEU A 94 -28.06 -18.26 -7.00
N LEU A 95 -29.05 -17.39 -7.15
CA LEU A 95 -29.37 -16.41 -6.11
C LEU A 95 -30.07 -17.06 -4.93
N ASN A 96 -30.90 -18.09 -5.16
CA ASN A 96 -31.47 -18.86 -4.05
C ASN A 96 -30.34 -19.44 -3.17
N PHE A 97 -29.40 -20.13 -3.81
CA PHE A 97 -28.24 -20.68 -3.11
C PHE A 97 -27.52 -19.63 -2.28
N ILE A 98 -27.24 -18.47 -2.86
CA ILE A 98 -26.54 -17.41 -2.14
C ILE A 98 -27.30 -17.03 -0.91
N LEU A 99 -28.59 -16.77 -1.04
CA LEU A 99 -29.44 -16.43 0.11
C LEU A 99 -29.60 -17.58 1.12
N GLN A 100 -29.52 -18.83 0.67
CA GLN A 100 -29.55 -19.94 1.59
C GLN A 100 -28.28 -20.02 2.43
N CYS A 101 -27.14 -19.67 1.83
CA CYS A 101 -25.90 -19.58 2.60
C CYS A 101 -26.07 -18.44 3.58
N ARG A 102 -26.56 -17.28 3.13
CA ARG A 102 -26.62 -16.13 4.03
C ARG A 102 -27.43 -16.36 5.32
N LYS A 103 -28.60 -16.98 5.19
CA LYS A 103 -29.40 -17.43 6.35
C LYS A 103 -28.66 -18.24 7.41
N LYS A 104 -27.65 -18.99 7.01
CA LYS A 104 -26.91 -19.84 7.93
C LYS A 104 -25.64 -19.22 8.52
N TYR A 105 -25.34 -17.96 8.22
CA TYR A 105 -24.23 -17.29 8.89
C TYR A 105 -24.77 -16.50 10.05
N ARG A 106 -23.97 -16.36 11.10
CA ARG A 106 -24.42 -15.74 12.35
C ARG A 106 -23.85 -14.34 12.44
N ASN A 107 -24.35 -13.60 13.43
CA ASN A 107 -23.86 -12.26 13.70
C ASN A 107 -22.72 -12.36 14.73
N VAL A 108 -21.56 -12.80 14.27
CA VAL A 108 -20.30 -12.77 15.04
C VAL A 108 -19.36 -11.74 14.39
N PRO A 109 -18.26 -11.36 15.08
CA PRO A 109 -17.42 -10.28 14.54
C PRO A 109 -16.66 -10.60 13.23
N TYR A 110 -16.12 -11.81 13.08
CA TYR A 110 -15.32 -12.16 11.90
C TYR A 110 -15.93 -13.23 11.00
N HIS A 111 -16.29 -14.39 11.55
CA HIS A 111 -16.82 -15.49 10.72
C HIS A 111 -18.32 -15.37 10.43
N ASN A 112 -18.68 -14.26 9.77
CA ASN A 112 -20.06 -13.95 9.38
C ASN A 112 -20.10 -14.04 7.85
N PHE A 113 -21.19 -13.59 7.22
CA PHE A 113 -21.37 -13.69 5.77
C PHE A 113 -20.37 -12.82 4.99
N TYR A 114 -19.88 -11.73 5.62
CA TYR A 114 -18.90 -10.86 4.96
C TYR A 114 -17.57 -11.59 4.76
N HIS A 115 -17.19 -12.46 5.70
CA HIS A 115 -15.96 -13.28 5.55
C HIS A 115 -16.02 -14.19 4.32
N VAL A 116 -17.14 -14.89 4.15
CA VAL A 116 -17.25 -15.84 3.04
C VAL A 116 -17.41 -15.13 1.70
N VAL A 117 -18.13 -14.02 1.67
CA VAL A 117 -18.18 -13.18 0.44
C VAL A 117 -16.78 -12.64 0.10
N ASP A 118 -16.04 -12.23 1.12
CA ASP A 118 -14.64 -11.84 0.94
C ASP A 118 -13.78 -12.98 0.38
N VAL A 119 -13.94 -14.20 0.90
CA VAL A 119 -13.14 -15.35 0.41
C VAL A 119 -13.50 -15.63 -1.05
N CYS A 120 -14.82 -15.52 -1.38
CA CYS A 120 -15.31 -15.70 -2.77
C CYS A 120 -14.68 -14.69 -3.72
N GLN A 121 -14.79 -13.41 -3.35
CA GLN A 121 -14.22 -12.33 -4.16
C GLN A 121 -12.70 -12.46 -4.32
N THR A 122 -12.02 -12.85 -3.24
CA THR A 122 -10.56 -13.00 -3.27
C THR A 122 -10.11 -14.14 -4.16
N ILE A 123 -10.82 -15.27 -4.06
CA ILE A 123 -10.54 -16.45 -4.89
C ILE A 123 -10.76 -16.11 -6.37
N HIS A 124 -11.80 -15.29 -6.64
CA HIS A 124 -12.05 -14.77 -8.02
C HIS A 124 -10.80 -14.07 -8.51
N THR A 125 -10.23 -13.19 -7.69
CA THR A 125 -9.02 -12.45 -8.08
C THR A 125 -7.84 -13.40 -8.28
N PHE A 126 -7.68 -14.42 -7.43
CA PHE A 126 -6.56 -15.39 -7.61
C PHE A 126 -6.73 -16.20 -8.89
N LEU A 127 -7.96 -16.64 -9.17
CA LEU A 127 -8.26 -17.33 -10.43
C LEU A 127 -8.01 -16.47 -11.69
N TYR A 128 -8.50 -15.24 -11.69
CA TYR A 128 -8.56 -14.45 -12.92
C TYR A 128 -7.54 -13.33 -13.04
N ARG A 129 -7.27 -12.62 -11.96
CA ARG A 129 -6.16 -11.68 -11.96
C ARG A 129 -4.87 -12.45 -11.80
N GLY A 130 -4.85 -13.47 -10.95
CA GLY A 130 -3.67 -14.31 -10.81
C GLY A 130 -3.45 -15.43 -11.83
N ASN A 131 -4.39 -15.62 -12.77
CA ASN A 131 -4.26 -16.67 -13.81
C ASN A 131 -4.25 -18.14 -13.30
N VAL A 132 -4.75 -18.37 -12.08
CA VAL A 132 -4.81 -19.75 -11.53
C VAL A 132 -5.90 -20.55 -12.29
N TYR A 133 -6.87 -19.88 -12.91
CA TYR A 133 -7.85 -20.55 -13.76
C TYR A 133 -7.14 -21.48 -14.78
N GLU A 134 -5.95 -21.13 -15.18
CA GLU A 134 -5.21 -21.91 -16.16
C GLU A 134 -4.86 -23.32 -15.70
N LYS A 135 -4.88 -23.57 -14.40
CA LYS A 135 -4.51 -24.86 -13.84
C LYS A 135 -5.72 -25.73 -13.54
N LEU A 136 -6.90 -25.22 -13.77
CA LEU A 136 -8.10 -25.90 -13.34
C LEU A 136 -9.07 -26.02 -14.52
N THR A 137 -10.09 -26.83 -14.35
CA THR A 137 -11.18 -26.85 -15.31
C THR A 137 -12.14 -25.72 -14.93
N GLU A 138 -13.08 -25.42 -15.81
CA GLU A 138 -14.09 -24.44 -15.47
C GLU A 138 -15.05 -24.97 -14.40
N LEU A 139 -15.35 -26.27 -14.41
CA LEU A 139 -16.14 -26.89 -13.31
C LEU A 139 -15.46 -26.60 -11.96
N GLU A 140 -14.18 -26.91 -11.91
CA GLU A 140 -13.37 -26.70 -10.71
C GLU A 140 -13.32 -25.23 -10.30
N CYS A 141 -13.20 -24.32 -11.27
CA CYS A 141 -13.34 -22.86 -10.99
C CYS A 141 -14.72 -22.50 -10.42
N PHE A 142 -15.77 -23.06 -11.03
CA PHE A 142 -17.13 -22.88 -10.56
C PHE A 142 -17.28 -23.40 -9.12
N VAL A 143 -16.72 -24.59 -8.89
CA VAL A 143 -16.81 -25.21 -7.57
C VAL A 143 -16.10 -24.34 -6.54
N LEU A 144 -14.88 -23.89 -6.80
CA LEU A 144 -14.18 -22.99 -5.87
C LEU A 144 -14.97 -21.77 -5.46
N LEU A 145 -15.57 -21.10 -6.44
CA LEU A 145 -16.35 -19.88 -6.15
C LEU A 145 -17.56 -20.15 -5.24
N ILE A 146 -18.22 -21.28 -5.45
CA ILE A 146 -19.35 -21.74 -4.62
C ILE A 146 -18.89 -22.24 -3.23
N THR A 147 -17.83 -23.04 -3.23
CA THR A 147 -17.29 -23.55 -1.98
C THR A 147 -16.91 -22.40 -1.02
N ALA A 148 -16.37 -21.31 -1.56
CA ALA A 148 -16.08 -20.12 -0.75
C ALA A 148 -17.28 -19.69 0.10
N LEU A 149 -18.49 -19.79 -0.46
CA LEU A 149 -19.70 -19.35 0.23
C LEU A 149 -20.23 -20.35 1.26
N VAL A 150 -19.90 -21.64 1.12
CA VAL A 150 -20.34 -22.62 2.10
C VAL A 150 -19.33 -22.92 3.19
N HIS A 151 -18.10 -22.41 3.06
CA HIS A 151 -16.97 -23.01 3.80
C HIS A 151 -16.96 -22.73 5.33
N ASP A 152 -17.74 -21.76 5.81
CA ASP A 152 -17.87 -21.53 7.25
C ASP A 152 -19.31 -21.54 7.73
N LEU A 153 -20.19 -22.23 7.01
CA LEU A 153 -21.61 -22.19 7.36
C LEU A 153 -21.83 -22.50 8.86
N ASP A 154 -22.56 -21.62 9.53
CA ASP A 154 -23.01 -21.79 10.92
C ASP A 154 -21.91 -21.74 11.97
N HIS A 155 -20.87 -20.95 11.70
CA HIS A 155 -19.75 -20.74 12.62
C HIS A 155 -20.28 -19.92 13.75
N MET A 156 -19.92 -20.27 14.98
CA MET A 156 -20.52 -19.62 16.16
C MET A 156 -19.50 -18.68 16.85
N GLY A 157 -18.41 -18.33 16.16
CA GLY A 157 -17.31 -17.52 16.71
C GLY A 157 -16.32 -18.23 17.65
N LEU A 158 -16.26 -19.56 17.55
CA LEU A 158 -15.49 -20.42 18.44
C LEU A 158 -14.76 -21.40 17.55
N ASN A 159 -13.48 -21.58 17.79
CA ASN A 159 -12.66 -22.49 17.01
C ASN A 159 -12.83 -23.97 17.43
N ASN A 160 -12.23 -24.88 16.66
CA ASN A 160 -12.29 -26.32 16.96
C ASN A 160 -11.83 -26.69 18.33
N SER A 161 -10.73 -26.11 18.76
CA SER A 161 -10.12 -26.41 20.05
C SER A 161 -11.07 -26.09 21.21
N PHE A 162 -11.84 -25.00 21.13
CA PHE A 162 -12.84 -24.69 22.17
C PHE A 162 -13.86 -25.85 22.43
N TYR A 163 -14.34 -26.47 21.35
CA TYR A 163 -15.32 -27.54 21.47
C TYR A 163 -14.70 -28.76 22.13
N LEU A 164 -13.48 -29.09 21.74
CA LEU A 164 -12.76 -30.19 22.32
C LEU A 164 -12.37 -29.89 23.80
N LYS A 165 -11.81 -28.72 24.09
CA LYS A 165 -11.43 -28.40 25.48
C LYS A 165 -12.59 -28.44 26.45
N THR A 166 -13.76 -27.94 26.03
CA THR A 166 -14.95 -27.86 26.89
C THR A 166 -15.80 -29.12 26.97
N GLU A 167 -15.40 -30.19 26.25
CA GLU A 167 -16.18 -31.44 26.14
C GLU A 167 -17.61 -31.16 25.71
N SER A 168 -17.73 -30.35 24.65
CA SER A 168 -19.03 -29.92 24.12
C SER A 168 -19.68 -31.08 23.42
N PRO A 169 -20.99 -31.12 23.34
CA PRO A 169 -21.62 -32.24 22.64
C PRO A 169 -21.07 -32.42 21.24
N LEU A 170 -20.87 -31.31 20.56
CA LEU A 170 -20.33 -31.23 19.23
C LEU A 170 -18.92 -31.74 19.15
N GLY A 171 -18.15 -31.42 20.17
CA GLY A 171 -16.81 -31.91 20.30
C GLY A 171 -16.77 -33.38 20.68
N ILE A 172 -17.69 -33.89 21.48
CA ILE A 172 -17.73 -35.30 21.85
C ILE A 172 -17.99 -36.17 20.62
N LEU A 173 -18.98 -35.79 19.82
CA LEU A 173 -19.35 -36.48 18.59
C LEU A 173 -18.18 -36.64 17.61
N SER A 174 -17.41 -35.56 17.48
CA SER A 174 -16.19 -35.53 16.65
C SER A 174 -15.15 -36.54 17.14
N SER A 175 -14.78 -36.48 18.43
CA SER A 175 -13.89 -37.48 19.05
C SER A 175 -14.43 -38.88 18.87
N ALA A 176 -15.70 -39.09 19.25
CA ALA A 176 -16.33 -40.41 19.14
C ALA A 176 -16.27 -40.97 17.73
N SER A 177 -16.60 -40.15 16.75
CA SER A 177 -16.61 -40.60 15.35
C SER A 177 -15.27 -40.49 14.63
N GLY A 178 -14.25 -39.97 15.28
CA GLY A 178 -12.90 -40.01 14.75
C GLY A 178 -12.52 -38.92 13.77
N ASN A 179 -13.20 -37.78 13.78
CA ASN A 179 -12.71 -36.68 12.98
C ASN A 179 -12.71 -35.45 13.84
N THR A 180 -11.52 -34.89 14.07
CA THR A 180 -11.37 -33.75 14.95
C THR A 180 -11.64 -32.41 14.30
N SER A 181 -11.85 -32.37 13.00
CA SER A 181 -12.22 -31.15 12.33
C SER A 181 -13.68 -30.86 12.66
N VAL A 182 -13.93 -30.41 13.88
CA VAL A 182 -15.30 -30.24 14.39
C VAL A 182 -16.20 -29.43 13.48
N LEU A 183 -15.80 -28.20 13.23
CA LEU A 183 -16.60 -27.25 12.47
C LEU A 183 -16.57 -27.51 10.96
N GLU A 184 -15.43 -27.95 10.42
CA GLU A 184 -15.32 -28.21 8.97
C GLU A 184 -16.30 -29.28 8.50
N VAL A 185 -16.47 -30.32 9.32
CA VAL A 185 -17.44 -31.39 9.01
C VAL A 185 -18.85 -30.82 9.16
N HIS A 186 -19.07 -30.01 10.19
CA HIS A 186 -20.35 -29.28 10.37
C HIS A 186 -20.75 -28.45 9.17
N HIS A 187 -19.78 -27.68 8.64
CA HIS A 187 -20.02 -26.81 7.49
C HIS A 187 -20.39 -27.68 6.28
N CYS A 188 -19.67 -28.78 6.04
CA CYS A 188 -20.00 -29.67 4.91
C CYS A 188 -21.43 -30.21 5.03
N ASN A 189 -21.86 -30.53 6.24
CA ASN A 189 -23.20 -31.06 6.47
C ASN A 189 -24.30 -30.04 6.11
N LEU A 190 -24.11 -28.76 6.43
CA LEU A 190 -25.09 -27.77 6.04
C LEU A 190 -25.02 -27.44 4.57
N ALA A 191 -23.84 -27.52 3.98
CA ALA A 191 -23.68 -27.32 2.54
C ALA A 191 -24.51 -28.38 1.81
N VAL A 192 -24.32 -29.65 2.18
CA VAL A 192 -25.06 -30.76 1.56
C VAL A 192 -26.61 -30.56 1.72
N GLU A 193 -27.07 -29.98 2.85
CA GLU A 193 -28.49 -29.68 3.04
C GLU A 193 -29.06 -28.68 2.02
N ILE A 194 -28.38 -27.54 1.87
CA ILE A 194 -28.78 -26.50 0.90
C ILE A 194 -28.84 -27.09 -0.51
N LEU A 195 -27.81 -27.83 -0.88
CA LEU A 195 -27.74 -28.44 -2.19
C LEU A 195 -28.73 -29.62 -2.45
N SER A 196 -29.41 -30.14 -1.43
CA SER A 196 -30.35 -31.27 -1.60
C SER A 196 -31.74 -30.88 -2.10
N ASP A 197 -32.04 -29.56 -2.09
CA ASP A 197 -33.21 -29.01 -2.73
C ASP A 197 -32.79 -28.43 -4.11
N PRO A 198 -33.42 -28.92 -5.22
CA PRO A 198 -33.19 -28.40 -6.58
C PRO A 198 -33.27 -26.86 -6.75
N GLU A 199 -34.15 -26.20 -6.00
CA GLU A 199 -34.26 -24.76 -6.06
C GLU A 199 -33.00 -23.99 -5.59
N SER A 200 -32.16 -24.62 -4.75
CA SER A 200 -30.88 -24.02 -4.33
C SER A 200 -29.64 -24.88 -4.64
N ASP A 201 -29.78 -25.88 -5.50
CA ASP A 201 -28.65 -26.70 -5.94
C ASP A 201 -28.02 -26.11 -7.19
N VAL A 202 -26.96 -25.32 -7.01
CA VAL A 202 -26.20 -24.82 -8.17
C VAL A 202 -25.49 -25.91 -8.99
N PHE A 203 -25.50 -27.15 -8.50
CA PHE A 203 -24.97 -28.29 -9.28
C PHE A 203 -26.04 -29.17 -9.86
N ASP A 204 -27.29 -28.73 -9.89
CA ASP A 204 -28.39 -29.56 -10.40
C ASP A 204 -28.20 -29.91 -11.87
N GLY A 205 -27.55 -29.02 -12.62
CA GLY A 205 -27.25 -29.26 -14.02
C GLY A 205 -26.21 -30.31 -14.31
N LEU A 206 -25.65 -30.91 -13.27
CA LEU A 206 -24.62 -31.91 -13.40
C LEU A 206 -25.21 -33.27 -13.10
N GLU A 207 -24.57 -34.28 -13.65
CA GLU A 207 -24.85 -35.67 -13.29
C GLU A 207 -23.63 -36.53 -13.45
N GLY A 208 -23.70 -37.74 -12.89
CA GLY A 208 -22.66 -38.76 -13.10
C GLY A 208 -21.36 -38.34 -12.45
N ALA A 209 -20.23 -38.64 -13.10
CA ALA A 209 -18.90 -38.32 -12.53
C ALA A 209 -18.66 -36.82 -12.24
N GLU A 210 -19.30 -35.94 -13.00
CA GLU A 210 -19.11 -34.49 -12.81
C GLU A 210 -19.73 -34.01 -11.51
N ARG A 211 -20.99 -34.37 -11.28
CA ARG A 211 -21.71 -34.03 -10.05
C ARG A 211 -21.02 -34.61 -8.82
N THR A 212 -20.51 -35.83 -8.96
CA THR A 212 -19.72 -36.47 -7.95
C THR A 212 -18.46 -35.65 -7.65
N LEU A 213 -17.76 -35.23 -8.69
CA LEU A 213 -16.55 -34.41 -8.52
C LEU A 213 -16.86 -33.07 -7.86
N ALA A 214 -17.99 -32.45 -8.22
CA ALA A 214 -18.35 -31.16 -7.62
C ALA A 214 -18.58 -31.28 -6.10
N PHE A 215 -19.32 -32.30 -5.67
CA PHE A 215 -19.53 -32.53 -4.24
C PHE A 215 -18.22 -32.93 -3.53
N ARG A 216 -17.42 -33.84 -4.12
CA ARG A 216 -16.23 -34.36 -3.44
C ARG A 216 -15.14 -33.29 -3.31
N SER A 217 -14.91 -32.54 -4.38
CA SER A 217 -13.92 -31.45 -4.34
C SER A 217 -14.37 -30.30 -3.42
N MET A 218 -15.68 -29.99 -3.40
CA MET A 218 -16.22 -29.02 -2.46
C MET A 218 -15.94 -29.46 -1.01
N ILE A 219 -16.28 -30.70 -0.73
CA ILE A 219 -16.09 -31.23 0.62
C ILE A 219 -14.61 -31.29 1.01
N ASP A 220 -13.78 -31.89 0.16
CA ASP A 220 -12.32 -31.88 0.36
C ASP A 220 -11.78 -30.47 0.71
N CYS A 221 -12.17 -29.48 -0.09
CA CYS A 221 -11.66 -28.13 0.06
C CYS A 221 -11.97 -27.60 1.44
N VAL A 222 -13.23 -27.79 1.88
CA VAL A 222 -13.67 -27.33 3.18
C VAL A 222 -12.93 -28.05 4.32
N LEU A 223 -12.77 -29.36 4.20
CA LEU A 223 -12.00 -30.11 5.18
C LEU A 223 -10.54 -29.61 5.25
N ALA A 224 -9.99 -29.23 4.10
CA ALA A 224 -8.64 -28.67 4.03
C ALA A 224 -8.46 -27.30 4.74
N THR A 225 -9.53 -26.60 5.11
CA THR A 225 -9.38 -25.31 5.78
C THR A 225 -9.16 -25.42 7.32
N ASP A 226 -9.12 -26.64 7.85
CA ASP A 226 -8.76 -26.86 9.25
C ASP A 226 -7.29 -26.47 9.38
N MET A 227 -7.00 -25.41 10.15
CA MET A 227 -5.62 -24.92 10.25
C MET A 227 -4.64 -25.88 10.95
N ALA A 228 -5.15 -26.88 11.66
CA ALA A 228 -4.33 -27.97 12.21
C ALA A 228 -3.71 -28.83 11.13
N LYS A 229 -4.36 -28.88 9.96
CA LYS A 229 -3.84 -29.61 8.78
C LYS A 229 -3.06 -28.70 7.83
N HIS A 230 -2.89 -27.42 8.18
CA HIS A 230 -2.24 -26.44 7.31
C HIS A 230 -0.90 -26.89 6.72
N GLY A 231 0.03 -27.33 7.57
CA GLY A 231 1.36 -27.77 7.12
C GLY A 231 1.35 -28.97 6.17
N SER A 232 0.59 -30.02 6.50
CA SER A 232 0.52 -31.21 5.63
C SER A 232 -0.12 -30.90 4.28
N ALA A 233 -1.15 -30.06 4.27
CA ALA A 233 -1.75 -29.62 3.00
C ALA A 233 -0.74 -28.89 2.12
N LEU A 234 0.03 -28.00 2.73
CA LEU A 234 1.04 -27.27 1.99
C LEU A 234 2.12 -28.17 1.41
N GLU A 235 2.66 -29.07 2.23
CA GLU A 235 3.72 -30.02 1.81
C GLU A 235 3.28 -30.93 0.69
N ALA A 236 2.03 -31.38 0.77
CA ALA A 236 1.44 -32.21 -0.26
C ALA A 236 1.27 -31.44 -1.58
N PHE A 237 0.76 -30.21 -1.50
CA PHE A 237 0.65 -29.41 -2.72
C PHE A 237 2.00 -29.20 -3.34
N LEU A 238 2.93 -28.74 -2.52
CA LEU A 238 4.27 -28.42 -3.00
C LEU A 238 4.95 -29.65 -3.65
N ALA A 239 4.73 -30.84 -3.06
CA ALA A 239 5.37 -32.05 -3.53
C ALA A 239 4.81 -32.47 -4.86
N SER A 240 3.48 -32.38 -5.01
CA SER A 240 2.81 -32.57 -6.30
C SER A 240 3.27 -31.60 -7.38
N ALA A 241 3.30 -30.31 -7.04
CA ALA A 241 3.68 -29.25 -7.96
C ALA A 241 5.10 -29.40 -8.49
N ALA A 242 5.99 -29.93 -7.67
CA ALA A 242 7.37 -30.20 -8.12
C ALA A 242 7.55 -31.47 -8.97
N ASP A 243 6.50 -32.28 -9.12
CA ASP A 243 6.57 -33.59 -9.75
C ASP A 243 5.79 -33.55 -11.05
N GLN A 244 6.51 -33.48 -12.18
CA GLN A 244 5.89 -33.50 -13.51
C GLN A 244 5.10 -34.78 -13.82
N SER A 245 5.37 -35.88 -13.09
CA SER A 245 4.54 -37.10 -13.16
C SER A 245 3.51 -37.25 -12.01
N SER A 246 3.10 -36.15 -11.42
CA SER A 246 2.04 -36.19 -10.43
C SER A 246 0.74 -36.60 -11.10
N ASP A 247 -0.06 -37.38 -10.40
CA ASP A 247 -1.43 -37.63 -10.85
C ASP A 247 -2.18 -36.30 -11.09
N GLU A 248 -2.72 -36.12 -12.31
CA GLU A 248 -3.50 -34.93 -12.70
C GLU A 248 -4.67 -34.63 -11.80
N ALA A 249 -5.52 -35.61 -11.58
CA ALA A 249 -6.68 -35.43 -10.68
C ALA A 249 -6.23 -34.92 -9.27
N ALA A 250 -5.24 -35.59 -8.69
CA ALA A 250 -4.69 -35.23 -7.39
C ALA A 250 -4.15 -33.80 -7.32
N PHE A 251 -3.48 -33.35 -8.39
CA PHE A 251 -2.89 -32.01 -8.45
C PHE A 251 -3.94 -30.95 -8.58
N HIS A 252 -4.97 -31.28 -9.36
CA HIS A 252 -6.10 -30.40 -9.56
C HIS A 252 -6.83 -30.24 -8.28
N ARG A 253 -7.01 -31.34 -7.54
CA ARG A 253 -7.67 -31.28 -6.26
C ARG A 253 -6.86 -30.47 -5.25
N MET A 254 -5.56 -30.71 -5.16
CA MET A 254 -4.69 -30.02 -4.21
C MET A 254 -4.61 -28.53 -4.50
N THR A 255 -4.62 -28.18 -5.78
CA THR A 255 -4.69 -26.78 -6.20
C THR A 255 -5.97 -26.13 -5.64
N MET A 256 -7.10 -26.82 -5.77
CA MET A 256 -8.38 -26.31 -5.29
C MET A 256 -8.34 -26.05 -3.78
N GLU A 257 -7.89 -27.05 -3.05
CA GLU A 257 -7.69 -26.97 -1.61
C GLU A 257 -6.78 -25.81 -1.19
N ILE A 258 -5.72 -25.62 -1.96
CA ILE A 258 -4.73 -24.55 -1.70
C ILE A 258 -5.30 -23.16 -1.99
N ILE A 259 -6.13 -23.04 -3.00
CA ILE A 259 -6.73 -21.75 -3.33
C ILE A 259 -7.77 -21.35 -2.31
N LEU A 260 -8.56 -22.31 -1.80
CA LEU A 260 -9.49 -22.01 -0.71
C LEU A 260 -8.73 -21.63 0.56
N LYS A 261 -7.72 -22.42 0.92
CA LYS A 261 -6.83 -22.07 2.03
C LYS A 261 -6.25 -20.67 1.88
N ALA A 262 -5.77 -20.35 0.68
CA ALA A 262 -5.22 -19.02 0.40
C ALA A 262 -6.23 -17.87 0.66
N GLY A 263 -7.45 -18.06 0.18
CA GLY A 263 -8.53 -17.13 0.43
C GLY A 263 -8.82 -16.98 1.90
N ASP A 264 -8.78 -18.10 2.62
CA ASP A 264 -9.05 -18.09 4.04
C ASP A 264 -8.05 -17.26 4.86
N ILE A 265 -6.78 -17.28 4.45
CA ILE A 265 -5.72 -16.48 5.09
C ILE A 265 -5.23 -15.30 4.21
N SER A 266 -6.12 -14.72 3.41
CA SER A 266 -5.73 -13.69 2.47
C SER A 266 -5.88 -12.26 2.99
N ASN A 267 -6.24 -12.10 4.25
CA ASN A 267 -6.44 -10.80 4.84
C ASN A 267 -5.19 -9.94 4.77
N VAL A 268 -4.05 -10.59 5.05
CA VAL A 268 -2.81 -9.89 5.08
C VAL A 268 -2.29 -9.55 3.70
N THR A 269 -3.00 -9.94 2.64
CA THR A 269 -2.56 -9.65 1.28
C THR A 269 -3.38 -8.50 0.68
N LYS A 270 -4.23 -7.84 1.45
CA LYS A 270 -5.02 -6.72 0.92
C LYS A 270 -4.38 -5.41 1.26
N PRO A 271 -4.87 -4.31 0.69
CA PRO A 271 -4.27 -3.01 1.10
C PRO A 271 -4.46 -2.75 2.61
N PHE A 272 -3.53 -2.00 3.21
CA PHE A 272 -3.39 -1.89 4.68
C PHE A 272 -4.67 -1.71 5.53
N ASP A 273 -5.47 -0.68 5.25
CA ASP A 273 -6.71 -0.45 6.06
C ASP A 273 -7.74 -1.55 5.95
N ILE A 274 -7.81 -2.23 4.81
CA ILE A 274 -8.71 -3.36 4.66
C ILE A 274 -8.21 -4.48 5.56
N SER A 275 -6.92 -4.80 5.40
CA SER A 275 -6.19 -5.80 6.19
C SER A 275 -6.25 -5.54 7.70
N ARG A 276 -6.15 -4.28 8.10
CA ARG A 276 -6.26 -3.93 9.51
C ARG A 276 -7.71 -4.06 10.03
N GLN A 277 -8.70 -3.78 9.19
CA GLN A 277 -10.07 -3.96 9.66
C GLN A 277 -10.43 -5.42 9.90
N TRP A 278 -9.88 -6.33 9.08
CA TRP A 278 -10.10 -7.76 9.26
C TRP A 278 -9.46 -8.18 10.57
N ALA A 279 -8.26 -7.66 10.84
CA ALA A 279 -7.52 -8.00 12.05
C ALA A 279 -8.23 -7.55 13.30
N MET A 280 -8.87 -6.38 13.25
CA MET A 280 -9.71 -5.96 14.38
C MET A 280 -10.88 -6.88 14.59
N ALA A 281 -11.48 -7.34 13.50
CA ALA A 281 -12.66 -8.18 13.56
C ALA A 281 -12.34 -9.55 14.16
N VAL A 282 -11.23 -10.14 13.73
CA VAL A 282 -10.80 -11.44 14.27
C VAL A 282 -10.30 -11.32 15.71
N THR A 283 -9.67 -10.19 16.04
CA THR A 283 -9.21 -9.95 17.40
C THR A 283 -10.41 -9.92 18.37
N GLU A 284 -11.47 -9.21 18.03
CA GLU A 284 -12.66 -9.17 18.88
C GLU A 284 -13.35 -10.54 19.01
N GLU A 285 -13.35 -11.28 17.89
CA GLU A 285 -13.92 -12.61 17.88
C GLU A 285 -13.14 -13.54 18.79
N PHE A 286 -11.81 -13.55 18.66
CA PHE A 286 -10.98 -14.36 19.54
C PHE A 286 -11.21 -14.01 21.00
N TYR A 287 -11.34 -12.71 21.29
CA TYR A 287 -11.51 -12.25 22.66
C TYR A 287 -12.78 -12.79 23.29
N ARG A 288 -13.88 -12.73 22.53
CA ARG A 288 -15.12 -13.29 22.99
C ARG A 288 -14.98 -14.80 23.30
N GLN A 289 -14.19 -15.51 22.51
CA GLN A 289 -13.92 -16.92 22.83
C GLN A 289 -13.21 -17.05 24.16
N GLY A 290 -12.19 -16.24 24.38
CA GLY A 290 -11.39 -16.30 25.60
C GLY A 290 -12.16 -15.90 26.83
N ASP A 291 -13.09 -14.97 26.68
CA ASP A 291 -14.00 -14.61 27.77
C ASP A 291 -14.89 -15.79 28.16
N MET A 292 -15.31 -16.56 27.16
CA MET A 292 -16.14 -17.75 27.37
C MET A 292 -15.33 -18.90 27.97
N GLU A 293 -14.06 -18.98 27.61
CA GLU A 293 -13.18 -20.01 28.13
C GLU A 293 -12.87 -19.75 29.61
N LYS A 294 -12.71 -18.46 29.95
CA LYS A 294 -12.44 -18.01 31.31
C LYS A 294 -13.56 -18.44 32.21
N GLU A 295 -14.78 -18.10 31.80
CA GLU A 295 -15.97 -18.49 32.52
C GLU A 295 -16.01 -20.01 32.74
N ARG A 296 -15.78 -20.77 31.70
CA ARG A 296 -15.85 -22.22 31.85
C ARG A 296 -14.65 -22.88 32.56
N GLY A 297 -13.56 -22.18 32.82
CA GLY A 297 -12.40 -22.76 33.51
C GLY A 297 -11.52 -23.64 32.63
N VAL A 298 -11.35 -23.27 31.38
CA VAL A 298 -10.48 -24.02 30.45
C VAL A 298 -9.31 -23.14 30.05
N GLU A 299 -8.29 -23.73 29.43
CA GLU A 299 -7.09 -22.99 29.03
C GLU A 299 -7.41 -21.84 28.05
N VAL A 300 -6.97 -20.63 28.40
CA VAL A 300 -7.14 -19.44 27.55
C VAL A 300 -5.77 -19.05 27.00
N LEU A 301 -5.59 -19.14 25.67
CA LEU A 301 -4.31 -18.79 25.04
C LEU A 301 -4.09 -17.26 25.02
N PRO A 302 -2.82 -16.81 24.90
CA PRO A 302 -2.50 -15.37 24.86
C PRO A 302 -3.25 -14.54 23.80
N MET A 303 -3.38 -15.10 22.60
CA MET A 303 -4.04 -14.42 21.48
C MET A 303 -5.53 -14.17 21.68
N PHE A 304 -6.14 -14.95 22.59
CA PHE A 304 -7.58 -14.88 22.93
C PHE A 304 -7.89 -14.15 24.27
N ASP A 305 -6.87 -13.55 24.92
CA ASP A 305 -7.00 -12.97 26.28
C ASP A 305 -7.04 -11.44 26.23
N ARG A 306 -8.16 -10.84 26.67
CA ARG A 306 -8.30 -9.39 26.72
C ARG A 306 -7.26 -8.73 27.62
N SER A 307 -6.87 -9.42 28.69
CA SER A 307 -5.97 -8.85 29.68
C SER A 307 -4.54 -8.69 29.19
N LYS A 308 -4.18 -9.37 28.11
CA LYS A 308 -2.86 -9.21 27.56
C LYS A 308 -2.82 -7.96 26.69
N ASN A 309 -3.99 -7.60 26.12
CA ASN A 309 -4.13 -6.45 25.23
C ASN A 309 -3.02 -6.37 24.19
N MET A 310 -2.76 -7.51 23.55
CA MET A 310 -1.60 -7.69 22.67
C MET A 310 -1.74 -6.75 21.51
N GLU A 311 -0.63 -6.15 21.11
CA GLU A 311 -0.69 -5.14 20.06
C GLU A 311 -1.11 -5.78 18.75
N LEU A 312 -1.89 -5.03 18.00
CA LEU A 312 -2.40 -5.50 16.74
C LEU A 312 -1.21 -5.74 15.81
N ALA A 313 -0.23 -4.84 15.86
CA ALA A 313 0.95 -4.95 14.97
C ALA A 313 1.83 -6.19 15.21
N LYS A 314 2.01 -6.56 16.46
CA LYS A 314 2.80 -7.75 16.78
C LYS A 314 2.09 -9.02 16.37
N GLY A 315 0.79 -9.11 16.70
CA GLY A 315 -0.04 -10.23 16.29
C GLY A 315 -0.02 -10.47 14.78
N GLN A 316 -0.27 -9.41 14.00
CA GLN A 316 -0.18 -9.48 12.54
C GLN A 316 1.19 -9.79 11.95
N ILE A 317 2.24 -9.31 12.59
CA ILE A 317 3.59 -9.59 12.09
C ILE A 317 3.94 -11.05 12.38
N GLY A 318 3.53 -11.54 13.54
CA GLY A 318 3.74 -12.94 13.90
C GLY A 318 2.99 -13.84 12.95
N PHE A 319 1.77 -13.45 12.58
CA PHE A 319 0.99 -14.22 11.63
C PHE A 319 1.58 -14.16 10.24
N ILE A 320 2.07 -13.00 9.83
CA ILE A 320 2.78 -12.83 8.58
C ILE A 320 4.03 -13.71 8.57
N ASP A 321 4.86 -13.66 9.60
CA ASP A 321 6.12 -14.40 9.60
C ASP A 321 5.97 -15.90 9.79
N PHE A 322 4.99 -16.31 10.56
CA PHE A 322 4.85 -17.72 10.86
C PHE A 322 3.89 -18.47 9.94
N VAL A 323 2.87 -17.79 9.42
CA VAL A 323 1.91 -18.45 8.58
C VAL A 323 1.90 -17.99 7.12
N ALA A 324 1.54 -16.72 6.91
CA ALA A 324 1.14 -16.20 5.58
C ALA A 324 2.28 -15.94 4.59
N ALA A 325 3.36 -15.31 4.99
CA ALA A 325 4.44 -15.03 4.06
C ALA A 325 5.09 -16.30 3.57
N PRO A 326 5.35 -17.27 4.51
CA PRO A 326 5.88 -18.50 3.95
C PRO A 326 4.91 -19.21 3.03
N PHE A 327 3.62 -19.23 3.33
CA PHE A 327 2.64 -19.89 2.51
C PHE A 327 2.46 -19.36 1.09
N PHE A 328 2.28 -18.08 0.95
CA PHE A 328 2.15 -17.41 -0.29
C PHE A 328 3.41 -17.43 -1.11
N GLN A 329 4.56 -17.34 -0.47
CA GLN A 329 5.85 -17.37 -1.14
C GLN A 329 6.15 -18.74 -1.75
N LYS A 330 5.90 -19.79 -1.00
CA LYS A 330 6.10 -21.13 -1.42
C LYS A 330 5.18 -21.58 -2.57
N ILE A 331 3.91 -21.22 -2.50
CA ILE A 331 2.94 -21.58 -3.51
C ILE A 331 3.16 -20.77 -4.78
N VAL A 332 3.57 -19.52 -4.66
CA VAL A 332 3.91 -18.71 -5.84
C VAL A 332 5.14 -19.26 -6.53
N ASP A 333 6.23 -19.50 -5.79
CA ASP A 333 7.44 -20.03 -6.43
C ASP A 333 7.25 -21.41 -7.05
N ALA A 334 6.55 -22.29 -6.35
CA ALA A 334 6.26 -23.66 -6.84
C ALA A 334 5.55 -23.71 -8.21
N CYS A 335 4.67 -22.77 -8.47
CA CYS A 335 3.58 -23.04 -9.38
C CYS A 335 2.76 -21.80 -9.80
N LEU A 336 2.30 -21.02 -8.83
CA LEU A 336 1.31 -19.96 -9.04
C LEU A 336 1.93 -18.55 -9.19
N GLN A 337 2.79 -18.40 -10.19
CA GLN A 337 3.57 -17.17 -10.44
C GLN A 337 2.71 -15.89 -10.59
N GLY A 338 1.54 -16.00 -11.20
CA GLY A 338 0.66 -14.87 -11.33
C GLY A 338 0.13 -14.27 -10.02
N MET A 339 0.24 -15.03 -8.93
CA MET A 339 -0.14 -14.53 -7.59
C MET A 339 0.99 -13.78 -6.83
N GLN A 340 2.11 -13.48 -7.49
CA GLN A 340 3.19 -12.69 -6.88
C GLN A 340 2.72 -11.44 -6.11
N TRP A 341 1.70 -10.72 -6.61
CA TRP A 341 1.24 -9.52 -5.89
C TRP A 341 0.88 -9.76 -4.43
N THR A 342 0.45 -10.99 -4.08
CA THR A 342 0.13 -11.31 -2.69
C THR A 342 1.36 -11.30 -1.79
N VAL A 343 2.50 -11.75 -2.32
CA VAL A 343 3.79 -11.75 -1.63
C VAL A 343 4.28 -10.32 -1.45
N ASP A 344 4.21 -9.55 -2.54
CA ASP A 344 4.55 -8.13 -2.54
C ASP A 344 3.77 -7.38 -1.45
N ARG A 345 2.44 -7.56 -1.40
CA ARG A 345 1.58 -6.82 -0.45
C ARG A 345 1.76 -7.24 1.03
N ILE A 346 2.01 -8.52 1.27
CA ILE A 346 2.36 -9.02 2.60
C ILE A 346 3.61 -8.27 3.10
N LYS A 347 4.58 -8.14 2.19
CA LYS A 347 5.83 -7.45 2.48
C LYS A 347 5.56 -6.00 2.86
N SER A 348 4.73 -5.30 2.10
CA SER A 348 4.49 -3.90 2.38
C SER A 348 3.64 -3.72 3.64
N ASN A 349 2.67 -4.60 3.87
CA ASN A 349 1.91 -4.56 5.12
C ASN A 349 2.74 -4.86 6.37
N ARG A 350 3.68 -5.82 6.26
CA ARG A 350 4.63 -6.08 7.35
C ARG A 350 5.46 -4.84 7.67
N ALA A 351 5.97 -4.18 6.62
CA ALA A 351 6.74 -2.95 6.77
C ALA A 351 5.90 -1.83 7.42
N GLN A 352 4.62 -1.76 7.03
CA GLN A 352 3.71 -0.81 7.62
C GLN A 352 3.44 -1.04 9.12
N TRP A 353 3.26 -2.30 9.53
CA TRP A 353 3.12 -2.65 10.94
C TRP A 353 4.42 -2.35 11.71
N GLU A 354 5.57 -2.63 11.08
CA GLU A 354 6.87 -2.24 11.64
C GLU A 354 7.02 -0.71 11.85
N ARG A 355 6.38 0.09 10.98
CA ARG A 355 6.30 1.55 11.17
C ARG A 355 5.43 1.96 12.35
N VAL A 356 4.39 1.18 12.63
CA VAL A 356 3.52 1.44 13.77
C VAL A 356 4.26 1.24 15.09
N LEU A 357 5.07 0.18 15.12
CA LEU A 357 5.95 -0.08 16.24
C LEU A 357 6.97 1.04 16.36
N GLU A 358 7.67 1.32 15.26
CA GLU A 358 8.79 2.26 15.27
C GLU A 358 8.41 3.62 15.81
N THR A 359 7.20 4.07 15.51
CA THR A 359 6.71 5.40 15.88
C THR A 359 5.88 5.43 17.16
N ARG A 360 5.70 4.29 17.83
CA ARG A 360 4.86 4.22 19.05
C ARG A 360 5.57 4.84 20.27
N VAL B 28 28.59 5.64 9.22
CA VAL B 28 27.92 4.86 8.11
C VAL B 28 28.84 3.82 7.44
N THR B 29 28.28 2.66 7.08
CA THR B 29 28.98 1.64 6.27
C THR B 29 29.37 2.29 4.95
N ALA B 30 30.66 2.26 4.62
CA ALA B 30 31.18 2.97 3.45
C ALA B 30 30.77 2.28 2.15
N ILE B 31 30.68 3.07 1.08
CA ILE B 31 30.16 2.58 -0.21
C ILE B 31 31.21 1.75 -0.91
N THR B 32 30.79 0.63 -1.49
CA THR B 32 31.69 -0.36 -2.11
C THR B 32 31.84 -0.08 -3.60
N LYS B 33 32.86 -0.65 -4.23
CA LYS B 33 33.06 -0.48 -5.67
C LYS B 33 31.92 -1.07 -6.50
N VAL B 34 31.43 -2.23 -6.10
CA VAL B 34 30.31 -2.87 -6.81
C VAL B 34 29.09 -1.92 -6.85
N GLU B 35 28.79 -1.27 -5.73
CA GLU B 35 27.69 -0.30 -5.64
C GLU B 35 27.86 0.89 -6.58
N ARG B 36 29.09 1.38 -6.70
CA ARG B 36 29.39 2.45 -7.65
C ARG B 36 29.25 2.02 -9.13
N GLU B 37 29.71 0.81 -9.44
CA GLU B 37 29.73 0.37 -10.85
C GLU B 37 28.34 0.16 -11.42
N ALA B 38 27.41 -0.30 -10.59
CA ALA B 38 26.00 -0.41 -10.98
C ALA B 38 25.35 0.94 -11.36
N VAL B 39 25.78 2.05 -10.75
CA VAL B 39 25.32 3.39 -11.17
C VAL B 39 26.04 3.82 -12.42
N LEU B 40 27.36 3.61 -12.45
CA LEU B 40 28.21 4.04 -13.58
C LEU B 40 27.92 3.37 -14.93
N VAL B 41 27.34 2.15 -14.92
CA VAL B 41 27.00 1.44 -16.19
C VAL B 41 25.72 1.96 -16.86
N CYS B 42 24.81 2.57 -16.11
CA CYS B 42 23.63 3.22 -16.68
C CYS B 42 24.03 4.40 -17.58
N GLU B 43 23.76 4.27 -18.89
CA GLU B 43 24.12 5.30 -19.87
C GLU B 43 23.01 6.31 -20.19
N LEU B 44 21.84 6.16 -19.57
CA LEU B 44 20.70 7.06 -19.78
C LEU B 44 20.48 7.48 -21.24
N PRO B 45 20.38 6.50 -22.17
CA PRO B 45 20.34 6.89 -23.58
C PRO B 45 18.92 7.35 -23.92
N SER B 46 18.83 8.34 -24.82
CA SER B 46 17.59 9.05 -25.18
C SER B 46 17.11 10.12 -24.18
N PHE B 47 17.72 10.20 -22.99
CA PHE B 47 17.28 11.14 -21.95
C PHE B 47 18.14 12.37 -21.98
N ASP B 48 17.51 13.53 -21.78
CA ASP B 48 18.23 14.79 -21.52
C ASP B 48 17.82 15.33 -20.13
N VAL B 49 18.67 15.07 -19.14
CA VAL B 49 18.37 15.40 -17.74
C VAL B 49 18.34 16.89 -17.42
N THR B 50 18.72 17.75 -18.35
CA THR B 50 18.65 19.19 -18.12
C THR B 50 17.38 19.83 -18.67
N ASP B 51 16.51 19.06 -19.28
CA ASP B 51 15.31 19.56 -19.88
C ASP B 51 14.13 19.68 -18.95
N VAL B 52 13.27 20.67 -19.14
CA VAL B 52 12.08 20.82 -18.33
C VAL B 52 11.03 19.72 -18.60
N GLU B 53 11.05 19.13 -19.77
CA GLU B 53 10.13 18.09 -20.04
C GLU B 53 10.66 16.73 -19.70
N PHE B 54 11.86 16.61 -19.16
CA PHE B 54 12.43 15.33 -18.78
C PHE B 54 11.50 14.52 -17.89
N ASP B 55 11.38 13.24 -18.21
CA ASP B 55 10.53 12.32 -17.50
C ASP B 55 11.21 11.22 -16.69
N LEU B 56 11.19 11.42 -15.37
CA LEU B 56 11.75 10.49 -14.41
C LEU B 56 10.94 9.17 -14.29
N PHE B 57 9.64 9.24 -14.46
CA PHE B 57 8.76 8.10 -14.46
C PHE B 57 9.11 7.21 -15.66
N ARG B 58 9.43 7.80 -16.80
CA ARG B 58 9.87 7.09 -17.99
C ARG B 58 11.30 6.58 -17.80
N ALA B 59 12.15 7.38 -17.16
CA ALA B 59 13.50 6.91 -16.80
C ALA B 59 13.45 5.70 -15.87
N ARG B 60 12.49 5.68 -14.94
CA ARG B 60 12.33 4.57 -13.99
C ARG B 60 11.96 3.26 -14.72
N GLU B 61 10.94 3.32 -15.57
CA GLU B 61 10.38 2.11 -16.21
C GLU B 61 11.22 1.54 -17.34
N SER B 62 12.29 2.23 -17.74
CA SER B 62 13.15 1.76 -18.82
C SER B 62 14.19 0.69 -18.40
N THR B 63 14.10 0.20 -17.17
CA THR B 63 15.16 -0.65 -16.62
C THR B 63 14.58 -1.37 -15.40
N ASP B 64 15.11 -2.56 -15.10
CA ASP B 64 14.72 -3.34 -13.91
C ASP B 64 15.49 -2.90 -12.63
N LYS B 65 16.30 -1.84 -12.77
CA LYS B 65 17.14 -1.26 -11.72
C LYS B 65 16.86 0.26 -11.65
N PRO B 66 15.63 0.67 -11.33
CA PRO B 66 15.35 2.11 -11.27
C PRO B 66 16.16 2.94 -10.23
N LEU B 67 16.52 2.37 -9.09
CA LEU B 67 17.33 3.10 -8.10
C LEU B 67 18.73 3.47 -8.60
N ASP B 68 19.28 2.67 -9.51
CA ASP B 68 20.58 2.96 -10.12
C ASP B 68 20.45 4.05 -11.19
N VAL B 69 19.42 3.95 -12.03
CA VAL B 69 19.17 4.96 -13.04
C VAL B 69 18.91 6.33 -12.40
N ALA B 70 18.15 6.36 -11.32
CA ALA B 70 17.92 7.58 -10.54
C ALA B 70 19.21 8.17 -10.00
N ALA B 71 20.07 7.28 -9.49
CA ALA B 71 21.39 7.63 -9.01
C ALA B 71 22.26 8.18 -10.13
N ALA B 72 22.20 7.52 -11.28
CA ALA B 72 22.90 7.97 -12.48
C ALA B 72 22.42 9.35 -12.91
N ILE B 73 21.10 9.56 -12.88
CA ILE B 73 20.50 10.86 -13.22
C ILE B 73 20.98 12.00 -12.31
N ALA B 74 21.03 11.76 -11.00
CA ALA B 74 21.57 12.73 -10.02
C ALA B 74 23.04 13.05 -10.25
N TYR B 75 23.79 12.00 -10.61
CA TYR B 75 25.22 12.06 -10.80
C TYR B 75 25.61 12.82 -12.07
N ARG B 76 24.88 12.57 -13.16
CA ARG B 76 25.06 13.35 -14.41
C ARG B 76 24.71 14.82 -14.23
N LEU B 77 23.63 15.12 -13.49
CA LEU B 77 23.26 16.53 -13.22
C LEU B 77 24.37 17.31 -12.54
N LEU B 78 24.95 16.74 -11.49
CA LEU B 78 25.96 17.43 -10.73
C LEU B 78 27.23 17.59 -11.53
N LEU B 79 27.76 16.51 -12.11
CA LEU B 79 28.98 16.60 -12.92
C LEU B 79 28.81 17.51 -14.13
N GLY B 80 27.64 17.47 -14.74
CA GLY B 80 27.35 18.30 -15.90
C GLY B 80 27.27 19.79 -15.59
N SER B 81 26.98 20.14 -14.34
CA SER B 81 26.94 21.54 -13.89
C SER B 81 28.36 22.08 -13.78
N GLY B 82 29.30 21.16 -13.58
CA GLY B 82 30.68 21.47 -13.42
C GLY B 82 30.97 22.01 -12.05
N LEU B 83 30.01 22.02 -11.12
CA LEU B 83 30.27 22.60 -9.81
C LEU B 83 31.18 21.78 -8.89
N PRO B 84 30.99 20.45 -8.81
CA PRO B 84 31.84 19.65 -7.94
C PRO B 84 33.34 19.74 -8.22
N GLN B 85 33.72 19.70 -9.49
CA GLN B 85 35.12 19.84 -9.94
C GLN B 85 35.74 21.12 -9.37
N LYS B 86 35.00 22.21 -9.42
CA LYS B 86 35.44 23.51 -8.98
C LYS B 86 35.64 23.68 -7.50
N PHE B 87 35.04 22.81 -6.71
CA PHE B 87 35.11 22.89 -5.26
C PHE B 87 35.81 21.71 -4.62
N GLY B 88 36.58 20.96 -5.42
CA GLY B 88 37.51 19.97 -4.92
C GLY B 88 36.82 18.69 -4.53
N CYS B 89 35.65 18.43 -5.10
CA CYS B 89 34.88 17.23 -4.82
C CYS B 89 35.14 16.30 -5.98
N SER B 90 35.84 15.21 -5.72
CA SER B 90 36.13 14.22 -6.75
C SER B 90 34.85 13.55 -7.23
N ASP B 91 34.97 12.88 -8.39
CA ASP B 91 33.86 12.14 -8.94
C ASP B 91 33.43 11.01 -8.02
N GLU B 92 34.41 10.32 -7.45
CA GLU B 92 34.16 9.22 -6.51
C GLU B 92 33.39 9.66 -5.24
N VAL B 93 33.88 10.72 -4.58
CA VAL B 93 33.22 11.26 -3.37
C VAL B 93 31.77 11.69 -3.65
N LEU B 94 31.54 12.24 -4.84
CA LEU B 94 30.21 12.66 -5.25
C LEU B 94 29.27 11.47 -5.38
N LEU B 95 29.71 10.44 -6.08
CA LEU B 95 28.89 9.24 -6.19
C LEU B 95 28.64 8.55 -4.82
N ASN B 96 29.67 8.53 -3.96
CA ASN B 96 29.53 7.99 -2.60
C ASN B 96 28.43 8.72 -1.87
N PHE B 97 28.52 10.06 -1.90
CA PHE B 97 27.50 10.93 -1.31
C PHE B 97 26.10 10.61 -1.82
N ILE B 98 25.95 10.55 -3.14
CA ILE B 98 24.65 10.16 -3.74
C ILE B 98 24.14 8.81 -3.20
N LEU B 99 25.01 7.79 -3.17
CA LEU B 99 24.61 6.46 -2.71
C LEU B 99 24.33 6.36 -1.20
N GLN B 100 25.05 7.14 -0.39
CA GLN B 100 24.73 7.23 1.04
C GLN B 100 23.38 7.84 1.24
N CYS B 101 23.06 8.89 0.49
CA CYS B 101 21.72 9.48 0.56
C CYS B 101 20.70 8.41 0.23
N ARG B 102 20.97 7.65 -0.82
CA ARG B 102 20.00 6.70 -1.35
C ARG B 102 19.59 5.66 -0.31
N LYS B 103 20.57 5.15 0.43
CA LYS B 103 20.35 4.13 1.49
C LYS B 103 19.43 4.60 2.59
N LYS B 104 19.42 5.91 2.85
CA LYS B 104 18.59 6.47 3.90
C LYS B 104 17.19 6.87 3.45
N TYR B 105 16.79 6.61 2.20
CA TYR B 105 15.39 6.81 1.80
C TYR B 105 14.67 5.47 1.87
N ARG B 106 13.41 5.53 2.31
CA ARG B 106 12.58 4.36 2.49
C ARG B 106 11.75 4.01 1.25
N ASN B 107 11.04 2.90 1.33
CA ASN B 107 10.19 2.46 0.26
C ASN B 107 8.76 2.91 0.52
N VAL B 108 8.51 4.21 0.34
CA VAL B 108 7.18 4.82 0.49
C VAL B 108 6.68 5.29 -0.87
N PRO B 109 5.38 5.63 -0.97
CA PRO B 109 4.91 6.01 -2.30
C PRO B 109 5.46 7.33 -2.83
N TYR B 110 5.53 8.39 -1.99
CA TYR B 110 5.96 9.72 -2.47
C TYR B 110 7.35 10.16 -2.01
N HIS B 111 7.54 10.31 -0.74
CA HIS B 111 8.80 10.77 -0.19
C HIS B 111 9.91 9.75 -0.16
N ASN B 112 10.36 9.35 -1.33
CA ASN B 112 11.37 8.32 -1.48
C ASN B 112 12.53 8.92 -2.23
N PHE B 113 13.42 8.11 -2.78
CA PHE B 113 14.59 8.62 -3.47
C PHE B 113 14.27 9.35 -4.77
N TYR B 114 13.14 9.00 -5.40
CA TYR B 114 12.80 9.57 -6.69
C TYR B 114 12.34 11.00 -6.54
N HIS B 115 11.74 11.31 -5.41
CA HIS B 115 11.29 12.66 -5.15
C HIS B 115 12.50 13.60 -5.01
N VAL B 116 13.59 13.14 -4.42
CA VAL B 116 14.70 14.05 -4.21
C VAL B 116 15.55 14.19 -5.45
N VAL B 117 15.64 13.13 -6.27
CA VAL B 117 16.35 13.24 -7.57
C VAL B 117 15.52 14.17 -8.45
N ASP B 118 14.20 14.05 -8.38
CA ASP B 118 13.31 14.96 -9.10
C ASP B 118 13.55 16.40 -8.66
N VAL B 119 13.55 16.65 -7.34
CA VAL B 119 13.75 18.01 -6.83
C VAL B 119 15.13 18.52 -7.27
N CYS B 120 16.16 17.68 -7.19
CA CYS B 120 17.49 18.00 -7.69
C CYS B 120 17.44 18.40 -9.18
N GLN B 121 16.83 17.55 -10.02
CA GLN B 121 16.72 17.79 -11.49
C GLN B 121 15.91 19.06 -11.80
N THR B 122 14.83 19.28 -11.05
CA THR B 122 13.98 20.49 -11.17
C THR B 122 14.73 21.79 -10.81
N ILE B 123 15.50 21.75 -9.72
CA ILE B 123 16.30 22.90 -9.28
C ILE B 123 17.31 23.24 -10.35
N HIS B 124 17.94 22.23 -10.93
CA HIS B 124 18.84 22.45 -12.04
C HIS B 124 18.14 23.23 -13.13
N THR B 125 16.90 22.86 -13.49
CA THR B 125 16.18 23.61 -14.53
C THR B 125 15.88 25.03 -14.12
N PHE B 126 15.51 25.24 -12.86
CA PHE B 126 15.25 26.60 -12.37
C PHE B 126 16.49 27.46 -12.42
N LEU B 127 17.64 26.87 -12.13
CA LEU B 127 18.90 27.60 -12.10
C LEU B 127 19.32 27.94 -13.51
N TYR B 128 19.37 26.93 -14.37
CA TYR B 128 20.02 27.15 -15.65
C TYR B 128 19.08 27.38 -16.82
N ARG B 129 17.89 26.79 -16.82
CA ARG B 129 16.92 27.11 -17.88
C ARG B 129 16.12 28.37 -17.51
N GLY B 130 15.99 28.63 -16.21
CA GLY B 130 15.23 29.80 -15.72
C GLY B 130 16.10 30.96 -15.32
N ASN B 131 17.42 30.76 -15.48
CA ASN B 131 18.47 31.74 -15.20
C ASN B 131 18.52 32.25 -13.76
N VAL B 132 18.08 31.44 -12.78
CA VAL B 132 18.22 31.81 -11.36
C VAL B 132 19.68 31.64 -10.84
N TYR B 133 20.59 31.04 -11.64
CA TYR B 133 22.00 31.00 -11.30
C TYR B 133 22.59 32.42 -11.26
N GLU B 134 22.01 33.35 -12.00
CA GLU B 134 22.46 34.75 -12.04
C GLU B 134 22.36 35.50 -10.71
N LYS B 135 21.55 35.00 -9.79
CA LYS B 135 21.33 35.68 -8.53
C LYS B 135 22.13 35.06 -7.38
N LEU B 136 22.88 34.00 -7.68
CA LEU B 136 23.59 33.21 -6.69
C LEU B 136 25.02 32.95 -7.10
N THR B 137 25.87 32.67 -6.14
CA THR B 137 27.26 32.29 -6.44
C THR B 137 27.31 30.86 -6.92
N GLU B 138 28.46 30.46 -7.40
CA GLU B 138 28.66 29.10 -7.81
C GLU B 138 28.63 28.14 -6.67
N LEU B 139 29.10 28.55 -5.50
CA LEU B 139 29.04 27.72 -4.29
C LEU B 139 27.61 27.45 -3.84
N GLU B 140 26.78 28.48 -3.80
CA GLU B 140 25.36 28.37 -3.44
C GLU B 140 24.60 27.46 -4.43
N CYS B 141 24.96 27.49 -5.71
CA CYS B 141 24.33 26.65 -6.70
C CYS B 141 24.70 25.17 -6.48
N PHE B 142 25.97 24.90 -6.12
CA PHE B 142 26.45 23.56 -5.76
C PHE B 142 25.74 23.08 -4.51
N VAL B 143 25.60 23.97 -3.52
CA VAL B 143 24.92 23.62 -2.26
C VAL B 143 23.44 23.25 -2.50
N LEU B 144 22.76 23.97 -3.38
CA LEU B 144 21.35 23.67 -3.66
C LEU B 144 21.15 22.30 -4.29
N LEU B 145 22.02 21.94 -5.22
CA LEU B 145 21.90 20.68 -5.93
C LEU B 145 22.14 19.51 -4.95
N ILE B 146 23.11 19.69 -4.06
CA ILE B 146 23.40 18.73 -3.01
C ILE B 146 22.27 18.67 -1.97
N THR B 147 21.82 19.84 -1.53
CA THR B 147 20.77 19.94 -0.52
C THR B 147 19.47 19.23 -0.96
N ALA B 148 19.06 19.43 -2.20
CA ALA B 148 17.94 18.66 -2.75
C ALA B 148 18.02 17.17 -2.49
N LEU B 149 19.22 16.58 -2.56
CA LEU B 149 19.37 15.14 -2.31
C LEU B 149 19.32 14.72 -0.83
N VAL B 150 19.47 15.66 0.10
CA VAL B 150 19.37 15.36 1.53
C VAL B 150 18.05 15.80 2.17
N HIS B 151 17.25 16.60 1.44
CA HIS B 151 16.21 17.38 2.08
C HIS B 151 15.06 16.58 2.67
N ASP B 152 14.98 15.28 2.37
CA ASP B 152 13.97 14.38 2.96
C ASP B 152 14.50 13.03 3.52
N LEU B 153 15.80 12.96 3.78
CA LEU B 153 16.41 11.69 4.26
C LEU B 153 15.59 11.01 5.37
N ASP B 154 15.31 9.72 5.16
CA ASP B 154 14.63 8.85 6.15
C ASP B 154 13.16 9.22 6.45
N HIS B 155 12.43 9.72 5.47
CA HIS B 155 11.01 10.04 5.57
C HIS B 155 10.22 8.72 5.58
N MET B 156 9.25 8.61 6.48
CA MET B 156 8.43 7.37 6.66
C MET B 156 7.04 7.44 5.99
N GLY B 157 6.70 8.58 5.42
CA GLY B 157 5.42 8.79 4.82
C GLY B 157 4.45 9.52 5.70
N LEU B 158 4.96 9.97 6.81
CA LEU B 158 4.20 10.68 7.79
C LEU B 158 4.67 12.11 7.95
N ASN B 159 3.75 13.02 8.05
CA ASN B 159 4.03 14.44 8.23
C ASN B 159 4.37 14.84 9.67
N ASN B 160 4.75 16.07 9.93
CA ASN B 160 5.08 16.49 11.28
C ASN B 160 3.90 16.39 12.21
N SER B 161 2.72 16.70 11.71
CA SER B 161 1.50 16.70 12.49
C SER B 161 1.24 15.33 13.05
N PHE B 162 1.54 14.28 12.29
CA PHE B 162 1.39 12.92 12.79
C PHE B 162 2.15 12.71 14.06
N TYR B 163 3.41 13.16 14.12
CA TYR B 163 4.26 12.88 15.29
C TYR B 163 3.81 13.67 16.52
N LEU B 164 3.24 14.86 16.33
CA LEU B 164 2.86 15.73 17.44
C LEU B 164 1.54 15.29 18.02
N LYS B 165 0.54 15.03 17.18
CA LYS B 165 -0.78 14.63 17.71
C LYS B 165 -0.85 13.20 18.31
N THR B 166 -0.04 12.28 17.79
CA THR B 166 0.10 10.94 18.37
C THR B 166 1.07 10.86 19.56
N GLU B 167 1.74 11.95 19.89
CA GLU B 167 2.76 11.99 20.95
C GLU B 167 3.79 10.85 20.79
N SER B 168 4.23 10.72 19.54
CA SER B 168 5.31 9.82 19.10
C SER B 168 6.65 10.33 19.64
N PRO B 169 7.59 9.41 19.96
CA PRO B 169 8.86 9.84 20.57
C PRO B 169 9.60 11.03 19.93
N LEU B 170 9.74 11.08 18.61
CA LEU B 170 10.27 12.29 17.94
C LEU B 170 9.39 13.54 18.08
N GLY B 171 8.07 13.38 18.16
CA GLY B 171 7.18 14.51 18.40
C GLY B 171 7.40 15.07 19.79
N ILE B 172 7.50 14.15 20.76
CA ILE B 172 7.77 14.51 22.15
C ILE B 172 9.08 15.29 22.22
N LEU B 173 10.11 14.81 21.52
CA LEU B 173 11.44 15.42 21.58
C LEU B 173 11.50 16.78 20.88
N SER B 174 10.70 16.97 19.85
CA SER B 174 10.55 18.25 19.17
C SER B 174 9.90 19.29 20.06
N SER B 175 8.92 18.82 20.83
CA SER B 175 8.22 19.62 21.81
C SER B 175 9.17 19.99 22.92
N ALA B 176 9.96 19.05 23.39
CA ALA B 176 10.86 19.31 24.50
C ALA B 176 11.96 20.36 24.19
N SER B 177 12.63 20.24 23.04
CA SER B 177 13.73 21.16 22.66
C SER B 177 13.24 22.40 21.89
N GLY B 178 11.94 22.56 21.72
CA GLY B 178 11.39 23.77 21.16
C GLY B 178 11.41 23.94 19.65
N ASN B 179 11.60 22.89 18.85
CA ASN B 179 11.48 23.09 17.38
C ASN B 179 10.45 22.16 16.78
N THR B 180 9.32 22.72 16.36
CA THR B 180 8.20 21.92 15.81
C THR B 180 8.46 21.26 14.49
N SER B 181 9.55 21.57 13.80
CA SER B 181 9.84 20.97 12.50
C SER B 181 10.45 19.59 12.68
N VAL B 182 9.61 18.64 13.10
CA VAL B 182 10.07 17.33 13.58
C VAL B 182 10.97 16.67 12.55
N LEU B 183 10.47 16.61 11.32
CA LEU B 183 11.13 15.89 10.26
C LEU B 183 12.37 16.60 9.69
N GLU B 184 12.28 17.91 9.56
CA GLU B 184 13.27 18.68 8.82
C GLU B 184 14.57 18.75 9.63
N VAL B 185 14.45 18.74 10.95
CA VAL B 185 15.61 18.66 11.83
C VAL B 185 16.26 17.26 11.68
N HIS B 186 15.44 16.22 11.63
CA HIS B 186 15.90 14.85 11.43
C HIS B 186 16.62 14.69 10.08
N HIS B 187 16.05 15.26 9.01
CA HIS B 187 16.74 15.29 7.71
C HIS B 187 18.16 15.97 7.84
N CYS B 188 18.23 17.11 8.53
CA CYS B 188 19.50 17.82 8.77
C CYS B 188 20.53 17.01 9.55
N ASN B 189 20.08 16.37 10.63
CA ASN B 189 20.91 15.48 11.43
C ASN B 189 21.53 14.40 10.57
N LEU B 190 20.74 13.79 9.69
CA LEU B 190 21.23 12.68 8.85
C LEU B 190 22.15 13.16 7.72
N ALA B 191 21.89 14.38 7.22
CA ALA B 191 22.75 15.06 6.26
C ALA B 191 24.14 15.22 6.86
N VAL B 192 24.17 15.74 8.08
CA VAL B 192 25.41 15.90 8.83
C VAL B 192 26.12 14.54 9.04
N GLU B 193 25.38 13.48 9.38
CA GLU B 193 25.99 12.12 9.50
C GLU B 193 26.70 11.62 8.22
N ILE B 194 26.09 11.80 7.04
CA ILE B 194 26.67 11.37 5.76
C ILE B 194 27.94 12.14 5.42
N LEU B 195 27.89 13.45 5.64
CA LEU B 195 28.98 14.33 5.32
C LEU B 195 30.14 14.18 6.30
N SER B 196 29.87 13.62 7.49
CA SER B 196 30.90 13.45 8.52
C SER B 196 31.96 12.43 8.15
N ASP B 197 31.61 11.50 7.24
CA ASP B 197 32.55 10.55 6.70
C ASP B 197 33.20 11.23 5.53
N PRO B 198 34.53 11.32 5.51
CA PRO B 198 35.29 11.96 4.43
C PRO B 198 35.11 11.38 3.01
N GLU B 199 34.74 10.11 2.88
CA GLU B 199 34.53 9.49 1.58
C GLU B 199 33.25 9.99 0.90
N SER B 200 32.29 10.49 1.68
CA SER B 200 31.09 11.08 1.14
C SER B 200 30.95 12.57 1.52
N ASP B 201 32.04 13.23 1.93
CA ASP B 201 31.97 14.65 2.22
C ASP B 201 32.20 15.46 0.98
N VAL B 202 31.11 15.93 0.39
CA VAL B 202 31.18 16.77 -0.80
C VAL B 202 31.58 18.19 -0.49
N PHE B 203 31.58 18.58 0.79
CA PHE B 203 32.08 19.88 1.24
C PHE B 203 33.51 19.86 1.80
N ASP B 204 34.18 18.71 1.71
CA ASP B 204 35.52 18.54 2.26
C ASP B 204 36.56 19.40 1.58
N GLY B 205 36.38 19.65 0.28
CA GLY B 205 37.29 20.51 -0.46
C GLY B 205 37.16 21.98 -0.17
N LEU B 206 36.19 22.37 0.67
CA LEU B 206 36.00 23.75 1.07
C LEU B 206 36.75 24.05 2.37
N GLU B 207 37.03 25.32 2.60
CA GLU B 207 37.77 25.75 3.79
C GLU B 207 37.22 27.07 4.24
N GLY B 208 37.47 27.38 5.51
CA GLY B 208 37.06 28.62 6.13
C GLY B 208 35.59 28.95 5.97
N ALA B 209 35.32 30.22 5.65
CA ALA B 209 33.94 30.71 5.60
C ALA B 209 33.13 30.10 4.45
N GLU B 210 33.79 29.48 3.48
CA GLU B 210 33.07 28.78 2.41
C GLU B 210 32.51 27.45 2.89
N ARG B 211 33.25 26.75 3.74
CA ARG B 211 32.74 25.49 4.32
C ARG B 211 31.57 25.74 5.27
N THR B 212 31.65 26.82 6.06
CA THR B 212 30.59 27.18 7.03
C THR B 212 29.30 27.54 6.33
N LEU B 213 29.40 28.35 5.29
CA LEU B 213 28.25 28.76 4.45
C LEU B 213 27.59 27.56 3.80
N ALA B 214 28.39 26.61 3.32
CA ALA B 214 27.88 25.40 2.73
C ALA B 214 26.95 24.71 3.70
N PHE B 215 27.46 24.45 4.89
CA PHE B 215 26.69 23.78 5.92
C PHE B 215 25.52 24.63 6.35
N ARG B 216 25.76 25.90 6.69
CA ARG B 216 24.69 26.74 7.19
C ARG B 216 23.57 26.93 6.19
N SER B 217 23.93 27.14 4.91
CA SER B 217 22.93 27.36 3.87
C SER B 217 22.17 26.07 3.56
N MET B 218 22.86 24.93 3.54
CA MET B 218 22.19 23.62 3.38
C MET B 218 21.11 23.43 4.44
N ILE B 219 21.52 23.57 5.70
CA ILE B 219 20.64 23.45 6.89
C ILE B 219 19.48 24.45 6.85
N ASP B 220 19.75 25.71 6.52
CA ASP B 220 18.66 26.70 6.40
C ASP B 220 17.62 26.31 5.35
N CYS B 221 18.09 25.89 4.19
CA CYS B 221 17.17 25.46 3.13
C CYS B 221 16.30 24.26 3.57
N VAL B 222 16.92 23.23 4.16
CA VAL B 222 16.15 22.07 4.63
C VAL B 222 15.11 22.46 5.67
N LEU B 223 15.52 23.22 6.67
CA LEU B 223 14.59 23.75 7.68
C LEU B 223 13.43 24.57 7.07
N ALA B 224 13.69 25.29 5.99
CA ALA B 224 12.67 26.09 5.30
C ALA B 224 11.60 25.27 4.53
N THR B 225 11.86 24.00 4.27
CA THR B 225 10.90 23.17 3.56
C THR B 225 9.70 22.71 4.39
N ASP B 226 9.71 22.89 5.72
CA ASP B 226 8.51 22.68 6.51
C ASP B 226 7.41 23.64 5.98
N MET B 227 6.25 23.11 5.60
CA MET B 227 5.18 23.97 5.07
C MET B 227 4.43 24.80 6.13
N ALA B 228 4.66 24.54 7.42
CA ALA B 228 4.24 25.44 8.47
C ALA B 228 4.89 26.82 8.34
N LYS B 229 6.13 26.85 7.81
CA LYS B 229 6.87 28.10 7.55
C LYS B 229 6.71 28.66 6.12
N HIS B 230 5.74 28.17 5.33
CA HIS B 230 5.63 28.55 3.90
C HIS B 230 5.39 30.05 3.73
N GLY B 231 4.35 30.51 4.43
CA GLY B 231 3.97 31.90 4.43
C GLY B 231 5.08 32.86 4.75
N SER B 232 5.78 32.61 5.85
CA SER B 232 6.82 33.54 6.31
C SER B 232 8.05 33.45 5.43
N ALA B 233 8.36 32.24 4.93
CA ALA B 233 9.46 32.09 4.00
C ALA B 233 9.24 32.94 2.74
N LEU B 234 8.01 32.92 2.23
CA LEU B 234 7.66 33.68 1.04
C LEU B 234 7.73 35.19 1.28
N GLU B 235 7.19 35.66 2.40
CA GLU B 235 7.24 37.10 2.72
C GLU B 235 8.66 37.62 2.85
N ALA B 236 9.45 36.88 3.64
CA ALA B 236 10.88 37.14 3.82
C ALA B 236 11.64 37.25 2.48
N PHE B 237 11.34 36.40 1.51
CA PHE B 237 12.01 36.46 0.19
C PHE B 237 11.56 37.67 -0.64
N LEU B 238 10.25 37.91 -0.69
CA LEU B 238 9.69 39.01 -1.48
C LEU B 238 10.17 40.32 -0.91
N ALA B 239 10.36 40.37 0.40
CA ALA B 239 10.83 41.58 1.01
C ALA B 239 12.29 41.88 0.70
N SER B 240 13.10 40.83 0.63
CA SER B 240 14.49 40.97 0.33
C SER B 240 14.71 41.15 -1.16
N ALA B 241 13.75 40.80 -1.98
CA ALA B 241 13.87 40.98 -3.41
C ALA B 241 13.45 42.39 -3.78
N ALA B 242 12.58 42.99 -2.96
CA ALA B 242 12.14 44.37 -3.16
C ALA B 242 13.24 45.36 -2.80
N ASP B 243 14.27 44.93 -2.04
CA ASP B 243 15.50 45.71 -1.86
C ASP B 243 16.72 44.77 -1.71
N GLN B 244 17.11 44.17 -2.85
CA GLN B 244 18.26 43.23 -2.97
C GLN B 244 19.55 43.93 -2.58
N SER B 245 19.74 45.11 -3.17
CA SER B 245 20.95 45.92 -2.98
C SER B 245 21.22 46.29 -1.51
N SER B 246 20.18 46.50 -0.71
CA SER B 246 20.36 46.91 0.69
C SER B 246 20.97 45.80 1.56
N ASP B 247 20.59 44.54 1.32
CA ASP B 247 21.14 43.41 2.10
C ASP B 247 21.35 42.15 1.22
N GLU B 248 22.51 42.12 0.55
CA GLU B 248 22.89 41.08 -0.41
C GLU B 248 22.81 39.68 0.14
N ALA B 249 23.36 39.48 1.33
CA ALA B 249 23.45 38.17 1.97
C ALA B 249 22.09 37.57 2.32
N ALA B 250 21.18 38.42 2.81
CA ALA B 250 19.82 38.01 3.11
C ALA B 250 19.09 37.55 1.87
N PHE B 251 19.29 38.26 0.74
CA PHE B 251 18.64 37.95 -0.54
C PHE B 251 19.20 36.68 -1.16
N HIS B 252 20.51 36.51 -1.08
CA HIS B 252 21.14 35.26 -1.48
C HIS B 252 20.59 34.07 -0.70
N ARG B 253 20.54 34.17 0.64
CA ARG B 253 20.05 33.06 1.48
C ARG B 253 18.57 32.74 1.23
N MET B 254 17.74 33.79 1.15
CA MET B 254 16.32 33.61 0.87
C MET B 254 16.06 33.00 -0.51
N THR B 255 16.85 33.38 -1.52
CA THR B 255 16.67 32.87 -2.88
C THR B 255 17.00 31.40 -2.89
N MET B 256 18.03 30.97 -2.14
CA MET B 256 18.29 29.53 -1.97
C MET B 256 17.09 28.79 -1.33
N GLU B 257 16.57 29.34 -0.23
CA GLU B 257 15.44 28.73 0.47
C GLU B 257 14.19 28.63 -0.45
N ILE B 258 13.95 29.72 -1.19
CA ILE B 258 12.81 29.81 -2.14
C ILE B 258 12.93 28.81 -3.28
N ILE B 259 14.14 28.58 -3.80
CA ILE B 259 14.35 27.60 -4.87
C ILE B 259 14.17 26.15 -4.40
N LEU B 260 14.68 25.81 -3.20
CA LEU B 260 14.47 24.48 -2.65
C LEU B 260 12.99 24.31 -2.38
N LYS B 261 12.35 25.34 -1.81
CA LYS B 261 10.88 25.29 -1.62
C LYS B 261 10.12 25.08 -2.92
N ALA B 262 10.48 25.86 -3.93
CA ALA B 262 9.91 25.76 -5.28
C ALA B 262 10.09 24.39 -5.92
N GLY B 263 11.27 23.77 -5.74
CA GLY B 263 11.51 22.45 -6.33
C GLY B 263 10.66 21.40 -5.63
N ASP B 264 10.35 21.67 -4.37
CA ASP B 264 9.65 20.75 -3.52
C ASP B 264 8.17 20.72 -3.85
N ILE B 265 7.65 21.82 -4.42
CA ILE B 265 6.27 21.91 -4.85
C ILE B 265 6.12 22.12 -6.37
N SER B 266 7.08 21.58 -7.11
CA SER B 266 7.19 21.69 -8.56
C SER B 266 6.42 20.66 -9.40
N ASN B 267 5.70 19.76 -8.79
CA ASN B 267 4.94 18.76 -9.51
C ASN B 267 3.87 19.38 -10.39
N VAL B 268 3.26 20.44 -9.93
CA VAL B 268 2.23 21.09 -10.67
C VAL B 268 2.71 21.86 -11.88
N THR B 269 4.01 22.02 -12.03
CA THR B 269 4.65 22.71 -13.14
C THR B 269 5.15 21.78 -14.26
N LYS B 270 4.83 20.52 -14.17
CA LYS B 270 5.30 19.60 -15.13
C LYS B 270 4.23 19.30 -16.14
N PRO B 271 4.62 18.67 -17.22
CA PRO B 271 3.69 18.25 -18.25
C PRO B 271 2.68 17.34 -17.61
N PHE B 272 1.39 17.59 -17.80
CA PHE B 272 0.30 16.87 -17.17
C PHE B 272 0.43 15.40 -16.86
N ASP B 273 0.93 14.60 -17.76
CA ASP B 273 1.01 13.18 -17.50
C ASP B 273 1.96 12.82 -16.39
N ILE B 274 3.02 13.57 -16.29
CA ILE B 274 4.01 13.40 -15.25
C ILE B 274 3.46 13.95 -13.94
N SER B 275 2.84 15.10 -14.00
CA SER B 275 2.23 15.76 -12.84
C SER B 275 1.11 14.93 -12.22
N ARG B 276 0.34 14.27 -13.06
CA ARG B 276 -0.73 13.37 -12.66
C ARG B 276 -0.14 12.19 -11.88
N GLN B 277 0.92 11.60 -12.36
CA GLN B 277 1.59 10.53 -11.66
C GLN B 277 2.19 10.87 -10.30
N TRP B 278 2.69 12.08 -10.10
CA TRP B 278 3.17 12.57 -8.79
C TRP B 278 2.00 12.72 -7.85
N ALA B 279 0.90 13.25 -8.38
CA ALA B 279 -0.30 13.46 -7.60
C ALA B 279 -0.88 12.14 -7.14
N MET B 280 -0.76 11.10 -7.99
CA MET B 280 -1.17 9.74 -7.61
C MET B 280 -0.37 9.21 -6.43
N ALA B 281 0.97 9.35 -6.51
CA ALA B 281 1.88 8.88 -5.47
C ALA B 281 1.73 9.65 -4.18
N VAL B 282 1.44 10.94 -4.25
CA VAL B 282 1.30 11.76 -3.03
C VAL B 282 -0.02 11.48 -2.36
N THR B 283 -1.03 11.09 -3.13
CA THR B 283 -2.35 10.84 -2.59
C THR B 283 -2.33 9.51 -1.84
N GLU B 284 -1.57 8.55 -2.35
CA GLU B 284 -1.43 7.27 -1.66
C GLU B 284 -0.73 7.42 -0.31
N GLU B 285 0.28 8.26 -0.22
CA GLU B 285 1.00 8.54 1.02
C GLU B 285 0.11 9.25 1.98
N PHE B 286 -0.67 10.18 1.52
CA PHE B 286 -1.62 10.85 2.40
C PHE B 286 -2.65 9.91 3.01
N TYR B 287 -3.17 9.01 2.21
CA TYR B 287 -4.16 8.06 2.68
C TYR B 287 -3.58 7.05 3.62
N ARG B 288 -2.32 6.70 3.41
CA ARG B 288 -1.63 5.81 4.31
C ARG B 288 -1.37 6.41 5.69
N GLN B 289 -1.11 7.72 5.75
CA GLN B 289 -0.99 8.40 7.04
C GLN B 289 -2.31 8.36 7.78
N GLY B 290 -3.42 8.57 7.06
CA GLY B 290 -4.76 8.51 7.64
C GLY B 290 -5.07 7.15 8.24
N ASP B 291 -4.68 6.11 7.52
CA ASP B 291 -4.82 4.73 8.00
C ASP B 291 -4.09 4.53 9.32
N MET B 292 -2.87 5.03 9.41
CA MET B 292 -2.10 4.92 10.65
C MET B 292 -2.56 5.82 11.77
N GLU B 293 -3.15 6.96 11.45
CA GLU B 293 -3.79 7.80 12.46
C GLU B 293 -4.99 7.06 13.03
N LYS B 294 -5.74 6.37 12.18
CA LYS B 294 -6.84 5.52 12.65
C LYS B 294 -6.34 4.43 13.59
N GLU B 295 -5.19 3.85 13.27
CA GLU B 295 -4.53 2.84 14.11
C GLU B 295 -4.22 3.39 15.52
N ARG B 296 -3.79 4.63 15.58
CA ARG B 296 -3.44 5.28 16.84
C ARG B 296 -4.65 5.88 17.53
N GLY B 297 -5.82 5.82 16.89
CA GLY B 297 -7.03 6.43 17.45
C GLY B 297 -6.97 7.95 17.55
N VAL B 298 -6.25 8.60 16.62
CA VAL B 298 -6.24 10.06 16.57
C VAL B 298 -7.11 10.53 15.42
N GLU B 299 -7.32 11.84 15.36
CA GLU B 299 -8.24 12.43 14.40
C GLU B 299 -7.62 12.43 13.00
N VAL B 300 -8.45 12.24 11.98
CA VAL B 300 -7.97 12.20 10.60
C VAL B 300 -8.61 13.40 9.92
N LEU B 301 -7.81 14.13 9.15
CA LEU B 301 -8.34 15.25 8.37
C LEU B 301 -8.86 14.69 7.04
N PRO B 302 -9.89 15.34 6.46
CA PRO B 302 -10.59 14.89 5.26
C PRO B 302 -9.72 14.48 4.08
N MET B 303 -8.65 15.22 3.83
CA MET B 303 -7.76 14.99 2.69
C MET B 303 -6.82 13.80 2.90
N PHE B 304 -6.69 13.38 4.15
CA PHE B 304 -5.93 12.19 4.53
C PHE B 304 -6.84 10.96 4.64
N ASP B 305 -8.16 11.19 4.69
CA ASP B 305 -9.17 10.16 4.94
C ASP B 305 -9.60 9.49 3.64
N ARG B 306 -9.23 8.23 3.53
CA ARG B 306 -9.43 7.43 2.34
C ARG B 306 -10.89 7.06 2.09
N SER B 307 -11.70 7.00 3.16
CA SER B 307 -13.13 6.73 3.05
C SER B 307 -14.01 7.96 2.71
N LYS B 308 -13.45 9.02 2.15
CA LYS B 308 -14.25 10.13 1.63
C LYS B 308 -14.31 10.11 0.12
N ASN B 309 -13.54 9.20 -0.51
CA ASN B 309 -13.62 8.87 -1.95
C ASN B 309 -13.21 9.93 -2.96
N MET B 310 -12.60 11.02 -2.48
CA MET B 310 -12.38 12.21 -3.28
C MET B 310 -11.63 12.01 -4.55
N GLU B 311 -11.94 12.85 -5.53
CA GLU B 311 -11.24 12.78 -6.78
C GLU B 311 -9.87 13.38 -6.63
N LEU B 312 -8.91 12.77 -7.33
CA LEU B 312 -7.56 13.28 -7.42
C LEU B 312 -7.50 14.74 -7.87
N ALA B 313 -8.30 15.06 -8.89
CA ALA B 313 -8.34 16.38 -9.53
C ALA B 313 -8.76 17.53 -8.60
N LYS B 314 -9.72 17.29 -7.70
CA LYS B 314 -10.14 18.30 -6.72
C LYS B 314 -8.97 18.68 -5.80
N GLY B 315 -8.22 17.66 -5.38
CA GLY B 315 -7.09 17.83 -4.49
C GLY B 315 -6.01 18.65 -5.13
N GLN B 316 -5.77 18.42 -6.40
CA GLN B 316 -4.73 19.13 -7.18
C GLN B 316 -5.09 20.56 -7.55
N ILE B 317 -6.36 20.81 -7.85
CA ILE B 317 -6.84 22.14 -8.21
C ILE B 317 -6.79 23.04 -6.99
N GLY B 318 -7.17 22.51 -5.83
CA GLY B 318 -7.11 23.27 -4.59
C GLY B 318 -5.68 23.58 -4.23
N PHE B 319 -4.79 22.62 -4.42
CA PHE B 319 -3.40 22.86 -4.10
C PHE B 319 -2.87 23.92 -5.06
N ILE B 320 -3.24 23.84 -6.35
CA ILE B 320 -2.91 24.89 -7.31
C ILE B 320 -3.45 26.26 -6.86
N ASP B 321 -4.73 26.38 -6.54
CA ASP B 321 -5.33 27.67 -6.20
C ASP B 321 -4.76 28.35 -4.91
N PHE B 322 -4.72 27.60 -3.79
CA PHE B 322 -4.31 28.11 -2.46
C PHE B 322 -2.83 28.17 -2.22
N VAL B 323 -2.06 27.25 -2.80
CA VAL B 323 -0.63 27.19 -2.53
C VAL B 323 0.22 27.56 -3.76
N ALA B 324 0.19 26.71 -4.78
CA ALA B 324 1.24 26.68 -5.79
C ALA B 324 1.18 27.82 -6.79
N ALA B 325 -0.01 28.14 -7.30
CA ALA B 325 -0.16 29.24 -8.26
C ALA B 325 0.21 30.60 -7.65
N PRO B 326 -0.36 30.99 -6.48
CA PRO B 326 0.13 32.24 -5.88
C PRO B 326 1.66 32.25 -5.65
N PHE B 327 2.24 31.10 -5.31
CA PHE B 327 3.64 31.05 -4.94
C PHE B 327 4.52 31.30 -6.14
N PHE B 328 4.28 30.57 -7.22
CA PHE B 328 5.09 30.75 -8.43
C PHE B 328 4.85 32.11 -9.07
N GLN B 329 3.61 32.58 -9.05
CA GLN B 329 3.28 33.91 -9.57
C GLN B 329 4.03 35.01 -8.81
N LYS B 330 4.07 34.91 -7.49
CA LYS B 330 4.72 35.93 -6.68
C LYS B 330 6.23 35.92 -6.89
N ILE B 331 6.87 34.75 -6.83
CA ILE B 331 8.32 34.71 -6.94
C ILE B 331 8.80 35.14 -8.33
N VAL B 332 8.08 34.75 -9.38
CA VAL B 332 8.42 35.12 -10.76
C VAL B 332 8.31 36.62 -11.01
N ASP B 333 7.21 37.23 -10.56
CA ASP B 333 6.93 38.66 -10.79
C ASP B 333 7.87 39.56 -9.99
N ALA B 334 8.27 39.08 -8.82
CA ALA B 334 9.10 39.87 -7.94
C ALA B 334 10.57 39.90 -8.37
N CYS B 335 11.00 38.92 -9.15
CA CYS B 335 12.40 38.62 -9.23
C CYS B 335 12.76 37.62 -10.33
N LEU B 336 12.09 36.46 -10.33
CA LEU B 336 12.53 35.32 -11.09
C LEU B 336 11.78 35.22 -12.41
N GLN B 337 12.02 36.19 -13.28
CA GLN B 337 11.28 36.33 -14.53
C GLN B 337 11.46 35.18 -15.49
N GLY B 338 12.63 34.56 -15.44
CA GLY B 338 12.97 33.45 -16.31
C GLY B 338 12.22 32.19 -16.00
N MET B 339 11.59 32.13 -14.82
CA MET B 339 10.75 30.99 -14.44
C MET B 339 9.26 31.09 -14.83
N GLN B 340 8.94 31.87 -15.86
CA GLN B 340 7.58 32.07 -16.33
C GLN B 340 6.88 30.80 -16.78
N TRP B 341 7.63 29.87 -17.36
CA TRP B 341 7.12 28.58 -17.78
C TRP B 341 6.37 27.79 -16.70
N THR B 342 6.78 27.89 -15.44
CA THR B 342 6.12 27.29 -14.33
C THR B 342 4.76 27.91 -14.17
N VAL B 343 4.57 29.21 -14.33
CA VAL B 343 3.24 29.80 -14.18
C VAL B 343 2.30 29.36 -15.31
N ASP B 344 2.80 29.28 -16.52
CA ASP B 344 2.05 28.83 -17.67
C ASP B 344 1.58 27.40 -17.49
N ARG B 345 2.45 26.53 -16.99
CA ARG B 345 2.15 25.15 -16.78
C ARG B 345 1.19 24.83 -15.64
N ILE B 346 1.12 25.67 -14.64
CA ILE B 346 0.18 25.47 -13.58
C ILE B 346 -1.22 25.68 -14.15
N LYS B 347 -1.37 26.71 -14.97
CA LYS B 347 -2.56 27.12 -15.65
C LYS B 347 -3.09 26.08 -16.62
N SER B 348 -2.21 25.55 -17.43
CA SER B 348 -2.53 24.53 -18.36
C SER B 348 -2.88 23.20 -17.72
N ASN B 349 -2.21 22.85 -16.66
CA ASN B 349 -2.51 21.68 -15.84
C ASN B 349 -3.82 21.86 -15.08
N ARG B 350 -4.08 23.06 -14.55
CA ARG B 350 -5.32 23.33 -13.83
C ARG B 350 -6.55 23.18 -14.72
N ALA B 351 -6.44 23.64 -15.96
CA ALA B 351 -7.49 23.46 -16.96
C ALA B 351 -7.70 21.98 -17.29
N GLN B 352 -6.61 21.20 -17.38
CA GLN B 352 -6.72 19.76 -17.68
C GLN B 352 -7.28 18.95 -16.52
N TRP B 353 -7.05 19.38 -15.28
CA TRP B 353 -7.72 18.78 -14.13
C TRP B 353 -9.24 19.06 -14.15
N GLU B 354 -9.64 20.26 -14.58
CA GLU B 354 -11.07 20.57 -14.74
C GLU B 354 -11.73 19.65 -15.77
N ARG B 355 -11.03 19.38 -16.88
CA ARG B 355 -11.53 18.47 -17.93
C ARG B 355 -11.59 16.99 -17.48
N VAL B 356 -10.82 16.64 -16.46
CA VAL B 356 -10.92 15.33 -15.80
C VAL B 356 -12.22 15.24 -14.97
N LEU B 357 -12.57 16.29 -14.23
CA LEU B 357 -13.85 16.34 -13.50
C LEU B 357 -15.10 16.31 -14.42
N GLU B 358 -15.02 17.01 -15.54
CA GLU B 358 -16.14 17.10 -16.51
C GLU B 358 -16.53 15.74 -17.11
N THR B 359 -15.56 14.85 -17.31
CA THR B 359 -15.80 13.43 -17.65
C THR B 359 -15.06 12.51 -16.68
#